data_3M6G
#
_entry.id   3M6G
#
_cell.length_a   53.932
_cell.length_b   86.419
_cell.length_c   100.868
_cell.angle_alpha   90.00
_cell.angle_beta   94.91
_cell.angle_gamma   90.00
#
_symmetry.space_group_name_H-M   'P 1 21 1'
#
loop_
_entity.id
_entity.type
_entity.pdbx_description
1 polymer 'Actin, alpha skeletal muscle'
2 non-polymer 'MAGNESIUM ION'
3 non-polymer "ADENOSINE-5'-TRIPHOSPHATE"
4 non-polymer "(1S,3S,4S,5S,7R,8S,9R,12E,14E,16R,17R,19R)-16-hydroxy-9-{(1S,2S,3S)-2-hydroxy-5-[(2S,4R,6S)-4-methoxy-6-methyltetrahydro-2H-pyran-2-yl]-1,3-dimethylpentyl}-3,5,7,17-tetramethoxy-8,14-dimethyl-11H-spiro[10,23-dioxabicyclo[17.3.1]tricosa-12,14,20-triene-4,2'-oxiran]-11-one"
5 non-polymer 'CALCIUM ION'
6 water water
#
_entity_poly.entity_id   1
_entity_poly.type   'polypeptide(L)'
_entity_poly.pdbx_seq_one_letter_code
;DEDETTALVCDNGSGLVKAGFAGDDAPRAVFPSIVGRPRHQGVMVGMGQKDSYVGDEAQSKRGILTLKYPIEHGIITNWD
DMEKIWHHTFYNELRVAPEEHPTLLTEAPLNPKANREKMTQIMFETFNVPAMYVAIQAVLSLYASGRTTGIVLDSGDGVT
HNVPIYEGYALPHAIMRLDLAGRDLTDYLMKILTERGYSFVTTAEREIVRDIKEKLCYVALDFENEMATAASSSSLEKSY
ELPDGQVITIGNERFRCPETLFQPSFIGMESAGIHETTYNSIMKCDIDIRKDLYANNVMSGGTTMYPGIADRMQKEITAL
APSTMKIKIIAPPERKYSVWIGGSILASLSTFQQMWITKQEYDEAGPSIVH
;
_entity_poly.pdbx_strand_id   A,B
#
# COMPACT_ATOMS: atom_id res chain seq x y z
N THR A 6 -20.08 9.35 -11.96
CA THR A 6 -18.87 8.53 -11.61
C THR A 6 -18.79 7.29 -12.46
N ALA A 7 -17.61 7.04 -13.01
CA ALA A 7 -17.41 5.88 -13.85
C ALA A 7 -17.33 4.62 -13.01
N LEU A 8 -17.81 3.52 -13.58
CA LEU A 8 -17.75 2.21 -12.95
C LEU A 8 -16.57 1.44 -13.48
N VAL A 9 -16.03 0.57 -12.62
CA VAL A 9 -14.94 -0.33 -12.99
C VAL A 9 -15.39 -1.74 -12.62
N CYS A 10 -15.51 -2.62 -13.63
CA CYS A 10 -15.93 -4.00 -13.43
CA CYS A 10 -15.94 -3.99 -13.43
C CYS A 10 -14.88 -4.96 -13.94
N ASP A 11 -14.25 -5.67 -13.02
CA ASP A 11 -13.18 -6.59 -13.37
C ASP A 11 -13.75 -8.00 -13.28
N ASN A 12 -14.02 -8.59 -14.45
CA ASN A 12 -14.72 -9.86 -14.54
C ASN A 12 -13.73 -11.02 -14.39
N GLY A 13 -13.63 -11.61 -13.20
CA GLY A 13 -12.66 -12.70 -12.99
C GLY A 13 -13.26 -14.07 -13.16
N SER A 14 -12.44 -15.08 -13.44
CA SER A 14 -12.92 -16.46 -13.58
CA SER A 14 -12.94 -16.45 -13.60
C SER A 14 -13.64 -16.97 -12.32
N GLY A 15 -13.13 -16.56 -11.16
CA GLY A 15 -13.76 -16.92 -9.89
C GLY A 15 -14.50 -15.79 -9.19
N LEU A 16 -13.93 -14.60 -9.21
CA LEU A 16 -14.49 -13.48 -8.49
C LEU A 16 -14.73 -12.25 -9.37
N VAL A 17 -15.90 -11.65 -9.26
CA VAL A 17 -16.13 -10.34 -9.84
C VAL A 17 -15.63 -9.30 -8.83
N LYS A 18 -14.81 -8.36 -9.29
CA LYS A 18 -14.42 -7.19 -8.50
C LYS A 18 -15.01 -5.93 -9.16
N ALA A 19 -15.84 -5.18 -8.44
CA ALA A 19 -16.53 -4.05 -9.03
C ALA A 19 -16.62 -2.87 -8.09
N GLY A 20 -16.68 -1.67 -8.65
CA GLY A 20 -16.77 -0.46 -7.85
C GLY A 20 -16.72 0.80 -8.68
N PHE A 21 -16.29 1.89 -8.04
CA PHE A 21 -16.34 3.20 -8.65
C PHE A 21 -14.95 3.72 -8.91
N ALA A 22 -14.72 4.27 -10.10
CA ALA A 22 -13.44 4.90 -10.40
C ALA A 22 -13.16 6.01 -9.41
N GLY A 23 -11.91 6.07 -8.93
CA GLY A 23 -11.51 7.02 -7.91
C GLY A 23 -11.38 6.39 -6.54
N ASP A 24 -12.06 5.26 -6.33
CA ASP A 24 -11.95 4.55 -5.08
C ASP A 24 -10.67 3.71 -5.10
N ASP A 25 -10.14 3.43 -3.92
CA ASP A 25 -8.87 2.72 -3.84
C ASP A 25 -9.02 1.21 -3.77
N ALA A 26 -10.27 0.75 -3.71
CA ALA A 26 -10.59 -0.67 -3.68
C ALA A 26 -11.97 -0.92 -4.30
N PRO A 27 -12.22 -2.14 -4.81
CA PRO A 27 -13.56 -2.45 -5.30
C PRO A 27 -14.55 -2.50 -4.13
N ARG A 28 -15.70 -1.87 -4.33
CA ARG A 28 -16.82 -1.85 -3.38
C ARG A 28 -17.47 -3.24 -3.25
N ALA A 29 -17.48 -4.01 -4.34
CA ALA A 29 -18.13 -5.32 -4.36
C ALA A 29 -17.19 -6.36 -4.91
N VAL A 30 -17.03 -7.45 -4.16
CA VAL A 30 -16.25 -8.61 -4.56
C VAL A 30 -17.13 -9.83 -4.28
N PHE A 31 -17.47 -10.61 -5.30
CA PHE A 31 -18.36 -11.77 -5.13
C PHE A 31 -18.09 -12.80 -6.22
N PRO A 32 -18.54 -14.06 -6.02
CA PRO A 32 -18.20 -15.12 -6.98
C PRO A 32 -18.89 -14.96 -8.33
N SER A 33 -18.17 -15.24 -9.43
CA SER A 33 -18.73 -15.19 -10.78
C SER A 33 -19.50 -16.50 -11.04
N ILE A 34 -20.61 -16.69 -10.33
CA ILE A 34 -21.43 -17.91 -10.45
C ILE A 34 -22.88 -17.54 -10.66
N VAL A 35 -23.56 -18.36 -11.46
CA VAL A 35 -25.01 -18.29 -11.63
C VAL A 35 -25.57 -19.68 -11.29
N GLY A 36 -26.58 -19.70 -10.41
CA GLY A 36 -27.13 -20.95 -9.91
C GLY A 36 -28.61 -21.15 -10.23
N ARG A 37 -28.99 -22.39 -10.50
CA ARG A 37 -30.41 -22.74 -10.74
C ARG A 37 -30.80 -23.95 -9.88
N PRO A 38 -32.07 -24.01 -9.43
CA PRO A 38 -32.44 -25.05 -8.45
C PRO A 38 -32.05 -26.48 -8.85
N SER A 52 -33.26 -18.21 -11.23
CA SER A 52 -31.80 -18.19 -11.08
C SER A 52 -31.27 -17.23 -9.98
N TYR A 53 -30.05 -17.48 -9.54
CA TYR A 53 -29.42 -16.72 -8.46
C TYR A 53 -27.98 -16.37 -8.85
N VAL A 54 -27.47 -15.24 -8.40
CA VAL A 54 -26.12 -14.80 -8.79
C VAL A 54 -25.24 -14.49 -7.58
N GLY A 55 -23.94 -14.79 -7.68
CA GLY A 55 -22.95 -14.44 -6.67
C GLY A 55 -23.23 -15.00 -5.29
N ASP A 56 -23.25 -14.10 -4.30
CA ASP A 56 -23.55 -14.46 -2.90
C ASP A 56 -24.90 -15.17 -2.74
N GLU A 57 -25.97 -14.64 -3.32
CA GLU A 57 -27.30 -15.27 -3.23
C GLU A 57 -27.28 -16.72 -3.75
N ALA A 58 -26.42 -16.99 -4.73
CA ALA A 58 -26.24 -18.34 -5.27
C ALA A 58 -25.43 -19.20 -4.29
N GLN A 59 -24.42 -18.60 -3.67
CA GLN A 59 -23.62 -19.28 -2.63
C GLN A 59 -24.47 -19.66 -1.42
N SER A 60 -25.29 -18.72 -0.93
CA SER A 60 -26.06 -18.95 0.27
C SER A 60 -27.18 -19.99 0.06
N LYS A 61 -27.46 -20.32 -1.20
CA LYS A 61 -28.42 -21.37 -1.54
C LYS A 61 -27.73 -22.57 -2.19
N ARG A 62 -26.45 -22.75 -1.85
CA ARG A 62 -25.59 -23.76 -2.48
C ARG A 62 -26.19 -25.18 -2.48
N GLY A 63 -26.79 -25.58 -1.36
CA GLY A 63 -27.31 -26.93 -1.17
C GLY A 63 -28.39 -27.39 -2.13
N ILE A 64 -29.13 -26.43 -2.69
CA ILE A 64 -30.24 -26.76 -3.58
C ILE A 64 -30.03 -26.28 -5.03
N LEU A 65 -28.86 -25.73 -5.32
CA LEU A 65 -28.58 -25.16 -6.65
C LEU A 65 -27.53 -25.90 -7.42
N THR A 66 -27.63 -25.84 -8.73
CA THR A 66 -26.54 -26.23 -9.59
C THR A 66 -25.86 -24.95 -10.13
N LEU A 67 -24.55 -24.86 -9.97
CA LEU A 67 -23.81 -23.62 -10.28
C LEU A 67 -23.17 -23.64 -11.65
N LYS A 68 -23.20 -22.50 -12.34
CA LYS A 68 -22.47 -22.35 -13.59
C LYS A 68 -21.45 -21.21 -13.50
N TYR A 69 -20.30 -21.41 -14.13
CA TYR A 69 -19.25 -20.39 -14.19
C TYR A 69 -19.13 -19.89 -15.61
N PRO A 70 -19.72 -18.72 -15.91
CA PRO A 70 -19.74 -18.19 -17.27
C PRO A 70 -18.36 -17.76 -17.80
N ILE A 71 -17.42 -17.52 -16.89
N ILE A 71 -17.33 -17.74 -16.94
CA ILE A 71 -16.11 -17.08 -17.28
CA ILE A 71 -15.97 -17.31 -17.30
C ILE A 71 -15.27 -18.31 -17.08
C ILE A 71 -14.82 -18.19 -16.77
N GLU A 72 -14.85 -18.90 -18.18
N GLU A 72 -14.87 -19.49 -17.02
CA GLU A 72 -14.08 -20.10 -18.13
CA GLU A 72 -13.96 -20.47 -16.36
C GLU A 72 -12.65 -19.81 -18.48
C GLU A 72 -12.43 -20.26 -16.33
N HIS A 73 -11.81 -19.97 -17.48
CA HIS A 73 -10.36 -19.71 -17.57
C HIS A 73 -10.10 -18.31 -18.15
N GLY A 74 -10.89 -17.33 -17.69
CA GLY A 74 -10.70 -15.92 -18.05
C GLY A 74 -11.53 -15.44 -19.22
N ILE A 75 -12.01 -16.36 -20.04
CA ILE A 75 -12.75 -16.01 -21.24
C ILE A 75 -14.23 -16.24 -20.99
N ILE A 76 -15.05 -15.25 -21.36
CA ILE A 76 -16.50 -15.38 -21.26
C ILE A 76 -16.98 -16.41 -22.29
N THR A 77 -17.69 -17.44 -21.80
CA THR A 77 -18.21 -18.54 -22.65
C THR A 77 -19.73 -18.70 -22.66
N ASN A 78 -20.39 -18.26 -21.60
CA ASN A 78 -21.84 -18.34 -21.50
C ASN A 78 -22.41 -16.91 -21.39
N TRP A 79 -22.90 -16.37 -22.51
CA TRP A 79 -23.30 -14.96 -22.60
C TRP A 79 -24.60 -14.64 -21.85
N ASP A 80 -25.55 -15.57 -21.87
CA ASP A 80 -26.78 -15.42 -21.08
C ASP A 80 -26.47 -15.29 -19.62
N ASP A 81 -25.61 -16.17 -19.12
CA ASP A 81 -25.29 -16.10 -17.71
C ASP A 81 -24.38 -14.92 -17.38
N MET A 82 -23.52 -14.55 -18.30
CA MET A 82 -22.67 -13.36 -18.10
C MET A 82 -23.53 -12.10 -17.93
N GLU A 83 -24.58 -11.96 -18.74
CA GLU A 83 -25.52 -10.84 -18.60
C GLU A 83 -26.12 -10.80 -17.23
N LYS A 84 -26.46 -11.98 -16.70
CA LYS A 84 -27.01 -12.08 -15.36
C LYS A 84 -26.02 -11.57 -14.34
N ILE A 85 -24.75 -11.95 -14.50
CA ILE A 85 -23.69 -11.42 -13.61
C ILE A 85 -23.61 -9.90 -13.71
N TRP A 86 -23.58 -9.38 -14.92
CA TRP A 86 -23.49 -7.93 -15.09
C TRP A 86 -24.71 -7.19 -14.50
N HIS A 87 -25.91 -7.71 -14.78
CA HIS A 87 -27.14 -7.10 -14.24
C HIS A 87 -27.13 -7.08 -12.70
N HIS A 88 -26.74 -8.19 -12.11
CA HIS A 88 -26.54 -8.29 -10.68
C HIS A 88 -25.50 -7.27 -10.17
N THR A 89 -24.38 -7.16 -10.88
CA THR A 89 -23.32 -6.22 -10.49
C THR A 89 -23.89 -4.78 -10.39
N PHE A 90 -24.62 -4.35 -11.41
CA PHE A 90 -25.14 -2.99 -11.45
C PHE A 90 -26.25 -2.77 -10.43
N TYR A 91 -27.27 -3.62 -10.48
CA TYR A 91 -28.49 -3.40 -9.71
C TYR A 91 -28.42 -3.83 -8.24
N ASN A 92 -27.79 -4.98 -7.98
CA ASN A 92 -27.76 -5.53 -6.63
C ASN A 92 -26.52 -5.17 -5.84
N GLU A 93 -25.35 -5.23 -6.47
CA GLU A 93 -24.11 -4.96 -5.75
C GLU A 93 -23.78 -3.47 -5.67
N LEU A 94 -23.73 -2.79 -6.81
CA LEU A 94 -23.37 -1.37 -6.83
C LEU A 94 -24.56 -0.44 -6.62
N ARG A 95 -25.76 -0.94 -6.90
CA ARG A 95 -27.01 -0.16 -6.90
C ARG A 95 -26.95 1.08 -7.76
N VAL A 96 -26.66 0.88 -9.04
CA VAL A 96 -26.61 1.96 -10.01
C VAL A 96 -27.47 1.61 -11.21
N ALA A 97 -27.93 2.62 -11.92
CA ALA A 97 -28.51 2.41 -13.23
C ALA A 97 -27.34 2.54 -14.25
N PRO A 98 -27.05 1.44 -14.98
CA PRO A 98 -25.90 1.44 -15.91
C PRO A 98 -25.97 2.52 -17.02
N GLU A 99 -27.18 2.90 -17.41
CA GLU A 99 -27.35 3.96 -18.41
CA GLU A 99 -27.37 3.97 -18.40
C GLU A 99 -26.86 5.33 -17.93
N GLU A 100 -26.48 5.42 -16.65
CA GLU A 100 -26.00 6.69 -16.07
C GLU A 100 -24.48 6.77 -15.80
N HIS A 101 -23.73 5.74 -16.16
CA HIS A 101 -22.30 5.67 -15.80
C HIS A 101 -21.42 5.11 -16.91
N PRO A 102 -20.37 5.86 -17.32
CA PRO A 102 -19.37 5.25 -18.20
C PRO A 102 -18.81 4.01 -17.52
N THR A 103 -18.57 2.94 -18.26
CA THR A 103 -18.23 1.65 -17.62
C THR A 103 -16.97 1.06 -18.22
N LEU A 104 -15.94 0.92 -17.39
CA LEU A 104 -14.71 0.28 -17.83
C LEU A 104 -14.80 -1.20 -17.45
N LEU A 105 -14.56 -2.06 -18.43
CA LEU A 105 -14.57 -3.51 -18.21
C LEU A 105 -13.21 -4.06 -18.51
N THR A 106 -12.91 -5.20 -17.91
CA THR A 106 -11.63 -5.84 -18.16
C THR A 106 -11.82 -7.14 -18.97
N GLU A 107 -10.78 -7.57 -19.67
CA GLU A 107 -10.80 -8.82 -20.42
C GLU A 107 -9.45 -9.54 -20.27
N ALA A 108 -9.49 -10.85 -20.49
CA ALA A 108 -8.28 -11.67 -20.47
C ALA A 108 -7.32 -11.33 -21.60
N PRO A 109 -6.00 -11.55 -21.36
CA PRO A 109 -4.99 -11.56 -22.41
C PRO A 109 -5.45 -12.52 -23.51
N LEU A 110 -5.28 -12.12 -24.76
CA LEU A 110 -5.65 -12.93 -25.93
C LEU A 110 -7.17 -13.14 -26.08
N ASN A 111 -7.97 -12.29 -25.46
CA ASN A 111 -9.42 -12.42 -25.63
C ASN A 111 -9.70 -12.23 -27.12
N PRO A 112 -10.46 -13.15 -27.73
CA PRO A 112 -10.75 -12.99 -29.16
C PRO A 112 -11.52 -11.70 -29.47
N LYS A 113 -11.21 -11.09 -30.61
CA LYS A 113 -11.85 -9.86 -31.06
C LYS A 113 -13.38 -9.93 -31.01
N ALA A 114 -13.93 -11.05 -31.48
CA ALA A 114 -15.39 -11.23 -31.52
C ALA A 114 -15.99 -11.20 -30.11
N ASN A 115 -15.22 -11.74 -29.16
CA ASN A 115 -15.61 -11.76 -27.77
C ASN A 115 -15.75 -10.34 -27.22
N ARG A 116 -14.71 -9.55 -27.42
CA ARG A 116 -14.73 -8.15 -27.04
C ARG A 116 -15.89 -7.39 -27.69
N GLU A 117 -16.14 -7.68 -28.96
CA GLU A 117 -17.26 -7.04 -29.66
C GLU A 117 -18.60 -7.37 -29.04
N LYS A 118 -18.75 -8.63 -28.64
CA LYS A 118 -19.97 -9.09 -28.00
C LYS A 118 -20.18 -8.45 -26.61
N MET A 119 -19.08 -8.31 -25.86
CA MET A 119 -19.12 -7.61 -24.57
CA MET A 119 -19.11 -7.60 -24.57
C MET A 119 -19.64 -6.19 -24.81
N THR A 120 -19.09 -5.52 -25.82
CA THR A 120 -19.43 -4.17 -26.17
C THR A 120 -20.89 -4.06 -26.62
N GLN A 121 -21.33 -4.99 -27.45
CA GLN A 121 -22.72 -4.97 -27.90
C GLN A 121 -23.69 -5.07 -26.71
N ILE A 122 -23.40 -5.97 -25.78
CA ILE A 122 -24.27 -6.14 -24.60
C ILE A 122 -24.34 -4.86 -23.75
N MET A 123 -23.18 -4.31 -23.41
CA MET A 123 -23.10 -3.05 -22.69
C MET A 123 -23.93 -1.94 -23.32
N PHE A 124 -23.79 -1.72 -24.63
CA PHE A 124 -24.49 -0.64 -25.31
C PHE A 124 -25.96 -0.99 -25.58
N GLU A 125 -26.25 -2.22 -25.97
CA GLU A 125 -27.60 -2.57 -26.41
C GLU A 125 -28.50 -3.10 -25.30
N THR A 126 -27.95 -3.89 -24.39
CA THR A 126 -28.74 -4.36 -23.26
C THR A 126 -28.77 -3.35 -22.12
N PHE A 127 -27.59 -2.88 -21.70
CA PHE A 127 -27.51 -2.01 -20.53
C PHE A 127 -27.54 -0.53 -20.83
N ASN A 128 -27.42 -0.18 -22.10
CA ASN A 128 -27.51 1.22 -22.52
C ASN A 128 -26.49 2.16 -21.84
N VAL A 129 -25.27 1.66 -21.56
CA VAL A 129 -24.24 2.51 -20.94
C VAL A 129 -23.96 3.73 -21.83
N PRO A 130 -23.59 4.87 -21.23
CA PRO A 130 -23.38 6.03 -22.09
C PRO A 130 -22.01 5.97 -22.78
N ALA A 131 -21.08 5.21 -22.21
CA ALA A 131 -19.72 5.10 -22.68
C ALA A 131 -19.10 3.87 -22.06
N MET A 132 -18.09 3.31 -22.73
CA MET A 132 -17.37 2.17 -22.19
C MET A 132 -15.95 2.07 -22.69
N TYR A 133 -15.21 1.15 -22.10
CA TYR A 133 -13.85 0.86 -22.52
C TYR A 133 -13.52 -0.54 -22.02
N VAL A 134 -12.72 -1.27 -22.79
CA VAL A 134 -12.30 -2.61 -22.38
C VAL A 134 -10.77 -2.61 -22.28
N ALA A 135 -10.25 -2.94 -21.10
CA ALA A 135 -8.81 -2.98 -20.87
C ALA A 135 -8.38 -4.40 -20.57
N ILE A 136 -7.20 -4.76 -21.06
CA ILE A 136 -6.59 -6.03 -20.71
C ILE A 136 -6.20 -6.04 -19.24
N GLN A 137 -6.59 -7.10 -18.52
CA GLN A 137 -6.38 -7.20 -17.07
C GLN A 137 -4.92 -6.97 -16.65
N ALA A 138 -3.97 -7.69 -17.27
CA ALA A 138 -2.56 -7.57 -16.87
C ALA A 138 -2.01 -6.15 -17.10
N VAL A 139 -2.46 -5.49 -18.16
CA VAL A 139 -2.02 -4.12 -18.44
C VAL A 139 -2.45 -3.16 -17.32
N LEU A 140 -3.68 -3.33 -16.83
CA LEU A 140 -4.16 -2.53 -15.69
C LEU A 140 -3.31 -2.80 -14.42
N SER A 141 -2.94 -4.06 -14.19
CA SER A 141 -2.09 -4.33 -13.00
C SER A 141 -0.74 -3.65 -13.16
N LEU A 142 -0.21 -3.60 -14.39
CA LEU A 142 1.04 -2.89 -14.65
C LEU A 142 0.91 -1.40 -14.33
N TYR A 143 -0.16 -0.78 -14.83
CA TYR A 143 -0.47 0.62 -14.53
C TYR A 143 -0.58 0.88 -13.02
N ALA A 144 -1.26 -0.02 -12.31
CA ALA A 144 -1.41 0.14 -10.86
C ALA A 144 -0.07 0.14 -10.09
N SER A 145 0.97 -0.47 -10.69
CA SER A 145 2.33 -0.47 -10.11
C SER A 145 3.13 0.77 -10.54
N GLY A 146 2.49 1.65 -11.32
CA GLY A 146 3.11 2.90 -11.78
C GLY A 146 4.05 2.74 -12.97
N ARG A 147 3.85 1.68 -13.78
CA ARG A 147 4.71 1.39 -14.95
C ARG A 147 3.89 1.28 -16.23
N THR A 148 4.52 1.48 -17.39
CA THR A 148 3.88 1.11 -18.66
C THR A 148 4.69 0.08 -19.46
N THR A 149 5.86 -0.28 -18.94
CA THR A 149 6.66 -1.36 -19.51
C THR A 149 7.02 -2.34 -18.39
N GLY A 150 6.85 -3.63 -18.68
CA GLY A 150 7.22 -4.69 -17.76
C GLY A 150 6.55 -5.99 -18.11
N ILE A 151 6.78 -7.02 -17.30
CA ILE A 151 6.10 -8.28 -17.55
C ILE A 151 5.28 -8.66 -16.32
N VAL A 152 4.01 -8.96 -16.55
CA VAL A 152 3.11 -9.31 -15.45
C VAL A 152 2.95 -10.83 -15.35
N LEU A 153 3.00 -11.35 -14.13
CA LEU A 153 2.46 -12.67 -13.81
C LEU A 153 1.15 -12.48 -13.09
N ASP A 154 0.06 -12.82 -13.78
CA ASP A 154 -1.29 -12.70 -13.24
C ASP A 154 -1.82 -14.10 -12.99
N SER A 155 -1.96 -14.43 -11.72
CA SER A 155 -2.44 -15.75 -11.37
C SER A 155 -3.71 -15.61 -10.54
N GLY A 156 -4.82 -16.10 -11.07
CA GLY A 156 -6.12 -15.95 -10.42
C GLY A 156 -6.71 -17.25 -9.93
N ASP A 157 -7.98 -17.48 -10.26
CA ASP A 157 -8.67 -18.66 -9.75
C ASP A 157 -8.64 -19.81 -10.75
N GLY A 158 -8.88 -19.51 -12.03
CA GLY A 158 -8.91 -20.53 -13.10
C GLY A 158 -7.80 -20.45 -14.14
N VAL A 159 -6.99 -19.39 -14.12
CA VAL A 159 -6.01 -19.20 -15.19
C VAL A 159 -4.80 -18.41 -14.69
N THR A 160 -3.64 -18.72 -15.26
CA THR A 160 -2.43 -17.95 -14.99
C THR A 160 -1.83 -17.49 -16.34
N HIS A 161 -1.44 -16.22 -16.42
CA HIS A 161 -0.83 -15.67 -17.64
C HIS A 161 0.49 -14.97 -17.30
N ASN A 162 1.43 -15.06 -18.24
CA ASN A 162 2.57 -14.14 -18.30
C ASN A 162 2.32 -13.16 -19.44
N VAL A 163 2.37 -11.87 -19.14
CA VAL A 163 2.04 -10.85 -20.15
C VAL A 163 3.15 -9.79 -20.20
N PRO A 164 4.01 -9.84 -21.22
CA PRO A 164 5.00 -8.79 -21.38
C PRO A 164 4.35 -7.59 -22.06
N ILE A 165 4.70 -6.38 -21.61
CA ILE A 165 4.00 -5.18 -22.04
C ILE A 165 5.06 -4.14 -22.34
N TYR A 166 4.97 -3.54 -23.52
CA TYR A 166 5.90 -2.47 -23.90
C TYR A 166 5.12 -1.18 -24.15
N GLU A 167 5.41 -0.16 -23.33
CA GLU A 167 4.72 1.13 -23.40
C GLU A 167 3.21 0.98 -23.57
N GLY A 168 2.59 0.15 -22.74
CA GLY A 168 1.14 -0.03 -22.77
C GLY A 168 0.63 -1.15 -23.65
N TYR A 169 1.45 -1.61 -24.58
CA TYR A 169 1.00 -2.64 -25.51
C TYR A 169 1.38 -4.02 -24.98
N ALA A 170 0.37 -4.86 -24.74
CA ALA A 170 0.61 -6.27 -24.43
C ALA A 170 1.09 -6.92 -25.71
N LEU A 171 2.17 -7.70 -25.64
CA LEU A 171 2.80 -8.29 -26.83
C LEU A 171 2.25 -9.68 -27.06
N PRO A 172 1.31 -9.81 -28.02
CA PRO A 172 0.51 -11.02 -28.10
C PRO A 172 1.30 -12.30 -28.44
N HIS A 173 2.31 -12.21 -29.32
CA HIS A 173 3.13 -13.35 -29.68
C HIS A 173 3.89 -13.93 -28.47
N ALA A 174 4.06 -13.14 -27.41
CA ALA A 174 4.88 -13.56 -26.26
C ALA A 174 4.07 -13.91 -25.02
N ILE A 175 2.76 -13.70 -25.09
CA ILE A 175 1.90 -14.01 -23.96
C ILE A 175 1.80 -15.53 -23.78
N MET A 176 1.91 -16.00 -22.55
CA MET A 176 1.71 -17.44 -22.24
C MET A 176 0.50 -17.62 -21.33
N ARG A 177 -0.33 -18.62 -21.64
CA ARG A 177 -1.45 -19.00 -20.78
C ARG A 177 -1.13 -20.33 -20.09
N LEU A 178 -1.35 -20.39 -18.78
CA LEU A 178 -1.19 -21.65 -18.07
C LEU A 178 -2.50 -21.98 -17.35
N ASP A 179 -3.07 -23.16 -17.64
CA ASP A 179 -4.34 -23.52 -17.02
C ASP A 179 -4.06 -24.23 -15.69
N LEU A 180 -3.49 -23.46 -14.79
CA LEU A 180 -3.20 -23.90 -13.45
C LEU A 180 -3.26 -22.62 -12.65
N ALA A 181 -4.13 -22.62 -11.63
CA ALA A 181 -4.32 -21.44 -10.79
C ALA A 181 -4.97 -21.80 -9.45
N GLY A 182 -5.66 -20.83 -8.85
CA GLY A 182 -6.14 -20.96 -7.50
C GLY A 182 -6.98 -22.18 -7.23
N ARG A 183 -7.92 -22.49 -8.14
CA ARG A 183 -8.83 -23.62 -7.90
C ARG A 183 -8.09 -24.97 -7.92
N ASP A 184 -7.08 -25.10 -8.79
CA ASP A 184 -6.22 -26.30 -8.82
C ASP A 184 -5.40 -26.48 -7.53
N LEU A 185 -4.89 -25.37 -6.98
CA LEU A 185 -4.13 -25.41 -5.73
C LEU A 185 -5.02 -25.84 -4.55
N THR A 186 -6.23 -25.30 -4.51
CA THR A 186 -7.23 -25.74 -3.52
C THR A 186 -7.48 -27.26 -3.59
N ASP A 187 -7.77 -27.73 -4.80
CA ASP A 187 -8.02 -29.16 -5.03
C ASP A 187 -6.84 -29.99 -4.59
N TYR A 188 -5.62 -29.51 -4.88
CA TYR A 188 -4.41 -30.25 -4.54
C TYR A 188 -4.18 -30.27 -3.03
N LEU A 189 -4.40 -29.14 -2.36
CA LEU A 189 -4.40 -29.14 -0.89
C LEU A 189 -5.45 -30.11 -0.27
N MET A 190 -6.64 -30.21 -0.86
CA MET A 190 -7.62 -31.20 -0.39
C MET A 190 -6.99 -32.58 -0.51
N LYS A 191 -6.32 -32.82 -1.64
CA LYS A 191 -5.74 -34.12 -1.93
C LYS A 191 -4.68 -34.50 -0.90
N ILE A 192 -3.74 -33.60 -0.64
CA ILE A 192 -2.62 -33.95 0.21
C ILE A 192 -2.96 -33.92 1.72
N LEU A 193 -3.92 -33.09 2.12
CA LEU A 193 -4.44 -33.13 3.50
C LEU A 193 -5.14 -34.44 3.79
N THR A 194 -5.83 -34.97 2.77
CA THR A 194 -6.52 -36.25 2.88
C THR A 194 -5.49 -37.38 3.01
N GLU A 195 -4.43 -37.30 2.20
CA GLU A 195 -3.31 -38.25 2.27
C GLU A 195 -2.64 -38.26 3.64
N ARG A 196 -2.74 -37.12 4.34
CA ARG A 196 -2.24 -37.00 5.73
C ARG A 196 -3.15 -37.76 6.71
N GLY A 197 -4.39 -38.01 6.32
CA GLY A 197 -5.32 -38.76 7.14
C GLY A 197 -6.60 -38.04 7.48
N TYR A 198 -6.78 -36.84 6.92
CA TYR A 198 -8.08 -36.19 7.01
C TYR A 198 -8.96 -36.65 5.85
N SER A 199 -10.13 -36.04 5.71
CA SER A 199 -10.99 -36.35 4.59
C SER A 199 -11.63 -35.06 4.10
N PHE A 200 -11.05 -34.48 3.05
CA PHE A 200 -11.59 -33.29 2.41
C PHE A 200 -11.93 -33.64 0.97
N VAL A 201 -13.23 -33.71 0.68
CA VAL A 201 -13.74 -34.36 -0.54
C VAL A 201 -14.88 -33.53 -1.11
N THR A 202 -15.83 -33.20 -0.23
CA THR A 202 -17.08 -32.56 -0.60
C THR A 202 -16.85 -31.08 -0.92
N THR A 203 -17.83 -30.47 -1.59
CA THR A 203 -17.76 -29.07 -1.96
C THR A 203 -17.68 -28.17 -0.70
N ALA A 204 -18.41 -28.51 0.36
CA ALA A 204 -18.29 -27.79 1.63
C ALA A 204 -16.87 -27.89 2.22
N GLU A 205 -16.27 -29.07 2.07
CA GLU A 205 -14.89 -29.29 2.50
C GLU A 205 -13.88 -28.55 1.61
N ARG A 206 -14.20 -28.42 0.32
CA ARG A 206 -13.40 -27.57 -0.57
C ARG A 206 -13.35 -26.12 -0.04
N GLU A 207 -14.49 -25.61 0.41
CA GLU A 207 -14.58 -24.23 0.93
C GLU A 207 -13.74 -24.03 2.17
N ILE A 208 -13.68 -25.05 3.02
CA ILE A 208 -12.81 -25.03 4.20
C ILE A 208 -11.33 -25.02 3.81
N VAL A 209 -10.97 -25.93 2.90
CA VAL A 209 -9.60 -26.04 2.43
C VAL A 209 -9.14 -24.76 1.70
N ARG A 210 -10.02 -24.12 0.95
CA ARG A 210 -9.70 -22.83 0.33
C ARG A 210 -9.26 -21.83 1.38
N ASP A 211 -9.96 -21.83 2.52
CA ASP A 211 -9.63 -20.93 3.61
C ASP A 211 -8.27 -21.25 4.24
N ILE A 212 -8.00 -22.54 4.44
CA ILE A 212 -6.71 -22.98 4.97
C ILE A 212 -5.58 -22.52 4.06
N LYS A 213 -5.80 -22.73 2.76
CA LYS A 213 -4.84 -22.34 1.73
C LYS A 213 -4.46 -20.85 1.82
N GLU A 214 -5.47 -20.00 1.88
CA GLU A 214 -5.27 -18.56 1.90
C GLU A 214 -4.64 -18.12 3.22
N LYS A 215 -4.84 -18.90 4.27
CA LYS A 215 -4.39 -18.51 5.61
C LYS A 215 -3.04 -19.04 6.04
N LEU A 216 -2.72 -20.26 5.64
CA LEU A 216 -1.56 -20.94 6.20
C LEU A 216 -0.48 -21.35 5.20
N CYS A 217 -0.74 -21.22 3.90
CA CYS A 217 0.24 -21.69 2.92
C CYS A 217 1.33 -20.63 2.66
N TYR A 218 2.47 -21.07 2.16
CA TYR A 218 3.54 -20.17 1.74
C TYR A 218 4.45 -20.88 0.74
N VAL A 219 5.25 -20.10 0.03
CA VAL A 219 6.24 -20.61 -0.91
C VAL A 219 7.61 -20.67 -0.21
N ALA A 220 8.16 -21.88 -0.10
CA ALA A 220 9.50 -22.11 0.45
C ALA A 220 10.56 -21.53 -0.48
N LEU A 221 11.58 -20.90 0.11
CA LEU A 221 12.70 -20.37 -0.67
C LEU A 221 13.49 -21.49 -1.35
N ASP A 222 13.65 -22.59 -0.62
CA ASP A 222 14.30 -23.79 -1.15
C ASP A 222 13.47 -24.99 -0.77
N PHE A 223 12.78 -25.57 -1.76
CA PHE A 223 11.82 -26.64 -1.50
C PHE A 223 12.41 -27.88 -0.81
N GLU A 224 13.56 -28.36 -1.30
CA GLU A 224 14.17 -29.56 -0.72
C GLU A 224 14.60 -29.35 0.75
N ASN A 225 15.24 -28.22 1.04
CA ASN A 225 15.57 -27.84 2.42
C ASN A 225 14.33 -27.77 3.32
N GLU A 226 13.30 -27.09 2.85
CA GLU A 226 12.08 -26.93 3.63
C GLU A 226 11.40 -28.28 3.94
N MET A 227 11.53 -29.22 3.02
CA MET A 227 11.00 -30.58 3.23
C MET A 227 11.76 -31.31 4.36
N ALA A 228 13.08 -31.14 4.40
CA ALA A 228 13.93 -31.73 5.45
C ALA A 228 13.62 -31.13 6.82
N THR A 229 13.49 -29.80 6.88
CA THR A 229 13.10 -29.10 8.10
C THR A 229 11.80 -29.64 8.68
N ALA A 230 10.76 -29.73 7.85
CA ALA A 230 9.47 -30.26 8.29
C ALA A 230 9.57 -31.72 8.74
N ALA A 231 10.46 -32.48 8.11
CA ALA A 231 10.59 -33.91 8.38
C ALA A 231 11.25 -34.20 9.72
N SER A 232 12.02 -33.25 10.24
CA SER A 232 12.83 -33.47 11.45
C SER A 232 12.24 -32.87 12.72
N SER A 233 11.51 -31.76 12.60
CA SER A 233 10.88 -31.11 13.75
C SER A 233 9.46 -30.65 13.42
N SER A 234 8.77 -30.07 14.39
CA SER A 234 7.40 -29.59 14.17
C SER A 234 7.34 -28.06 14.10
N SER A 235 8.49 -27.43 13.89
CA SER A 235 8.62 -25.98 13.83
C SER A 235 7.75 -25.32 12.75
N LEU A 236 7.50 -26.05 11.66
CA LEU A 236 6.71 -25.50 10.54
C LEU A 236 5.21 -25.81 10.63
N GLU A 237 4.80 -26.53 11.67
CA GLU A 237 3.40 -26.90 11.84
C GLU A 237 2.51 -25.74 12.31
N LYS A 238 1.25 -25.78 11.91
CA LYS A 238 0.25 -24.81 12.35
C LYS A 238 -1.03 -25.56 12.64
N SER A 239 -1.84 -25.01 13.54
CA SER A 239 -3.14 -25.56 13.85
C SER A 239 -4.21 -24.79 13.11
N TYR A 240 -5.35 -25.44 12.91
CA TYR A 240 -6.48 -24.80 12.24
C TYR A 240 -7.78 -25.37 12.77
N GLU A 241 -8.68 -24.49 13.16
CA GLU A 241 -9.95 -24.90 13.70
C GLU A 241 -11.03 -24.99 12.63
N LEU A 242 -11.52 -26.20 12.39
CA LEU A 242 -12.60 -26.39 11.43
C LEU A 242 -13.88 -25.70 11.93
N PRO A 243 -14.86 -25.48 11.03
CA PRO A 243 -16.12 -24.85 11.42
C PRO A 243 -16.79 -25.53 12.60
N ASP A 244 -16.71 -26.86 12.67
CA ASP A 244 -17.26 -27.64 13.80
C ASP A 244 -16.37 -27.70 15.05
N GLY A 245 -15.25 -26.98 15.06
CA GLY A 245 -14.43 -26.91 16.25
C GLY A 245 -13.26 -27.87 16.35
N GLN A 246 -13.31 -28.97 15.60
CA GLN A 246 -12.16 -29.92 15.56
C GLN A 246 -10.92 -29.16 15.06
N VAL A 247 -9.83 -29.22 15.83
CA VAL A 247 -8.58 -28.59 15.38
C VAL A 247 -7.69 -29.63 14.70
N ILE A 248 -7.10 -29.22 13.58
CA ILE A 248 -6.27 -30.10 12.77
C ILE A 248 -4.88 -29.49 12.63
N THR A 249 -3.91 -30.28 12.15
CA THR A 249 -2.52 -29.84 11.99
C THR A 249 -2.04 -29.86 10.51
N ILE A 250 -1.52 -28.71 10.05
CA ILE A 250 -0.94 -28.57 8.71
C ILE A 250 0.57 -28.54 8.88
N GLY A 251 1.27 -29.39 8.14
CA GLY A 251 2.73 -29.44 8.16
C GLY A 251 3.30 -29.01 6.82
N ASN A 252 4.00 -29.92 6.16
CA ASN A 252 4.64 -29.59 4.89
C ASN A 252 3.65 -29.27 3.75
N GLU A 253 2.36 -29.54 3.97
CA GLU A 253 1.31 -29.16 3.02
C GLU A 253 1.26 -27.65 2.82
N ARG A 254 1.61 -26.90 3.86
CA ARG A 254 1.65 -25.43 3.79
C ARG A 254 2.44 -24.95 2.56
N PHE A 255 3.52 -25.64 2.23
CA PHE A 255 4.38 -25.17 1.14
C PHE A 255 4.40 -26.08 -0.08
N ARG A 256 3.99 -27.33 0.11
CA ARG A 256 3.90 -28.25 -1.00
C ARG A 256 2.76 -27.80 -1.93
N CYS A 257 1.71 -27.22 -1.35
CA CYS A 257 0.57 -26.75 -2.14
C CYS A 257 1.00 -25.67 -3.17
N PRO A 258 1.51 -24.51 -2.72
CA PRO A 258 1.94 -23.52 -3.74
C PRO A 258 3.22 -23.89 -4.50
N GLU A 259 3.94 -24.92 -4.06
CA GLU A 259 5.09 -25.45 -4.83
C GLU A 259 4.66 -25.88 -6.22
N THR A 260 3.41 -26.31 -6.32
CA THR A 260 2.78 -26.69 -7.59
C THR A 260 2.97 -25.63 -8.68
N LEU A 261 2.88 -24.35 -8.32
CA LEU A 261 3.12 -23.26 -9.26
C LEU A 261 4.49 -23.41 -9.94
N PHE A 262 5.48 -23.79 -9.16
CA PHE A 262 6.84 -23.98 -9.65
C PHE A 262 7.08 -25.37 -10.21
N GLN A 263 6.30 -26.36 -9.78
CA GLN A 263 6.41 -27.72 -10.36
C GLN A 263 5.04 -28.26 -10.72
N PRO A 264 4.53 -27.92 -11.91
CA PRO A 264 3.17 -28.34 -12.26
C PRO A 264 3.01 -29.86 -12.31
N SER A 265 4.12 -30.59 -12.38
CA SER A 265 4.09 -32.05 -12.36
C SER A 265 3.43 -32.58 -11.09
N PHE A 266 3.41 -31.76 -10.04
CA PHE A 266 2.73 -32.12 -8.77
C PHE A 266 1.27 -32.51 -8.93
N ILE A 267 0.60 -31.93 -9.92
CA ILE A 267 -0.78 -32.25 -10.22
C ILE A 267 -0.87 -32.92 -11.59
N GLY A 268 0.23 -33.56 -12.00
CA GLY A 268 0.27 -34.34 -13.23
C GLY A 268 0.25 -33.53 -14.52
N MET A 269 0.55 -32.24 -14.42
CA MET A 269 0.68 -31.38 -15.61
C MET A 269 2.11 -31.37 -16.10
N GLU A 270 2.29 -31.26 -17.42
CA GLU A 270 3.65 -31.30 -17.98
C GLU A 270 4.25 -29.89 -18.20
N SER A 271 3.44 -28.86 -18.05
CA SER A 271 3.88 -27.48 -18.22
C SER A 271 5.09 -27.07 -17.36
N ALA A 272 5.90 -26.17 -17.90
CA ALA A 272 6.94 -25.51 -17.12
C ALA A 272 6.28 -24.69 -16.01
N GLY A 273 7.03 -24.41 -14.94
CA GLY A 273 6.50 -23.63 -13.83
C GLY A 273 6.52 -22.14 -14.13
N ILE A 274 5.94 -21.36 -13.22
CA ILE A 274 5.75 -19.91 -13.41
C ILE A 274 7.08 -19.14 -13.64
N HIS A 275 8.16 -19.60 -13.05
CA HIS A 275 9.48 -18.98 -13.29
C HIS A 275 9.94 -19.21 -14.73
N GLU A 276 9.75 -20.43 -15.21
CA GLU A 276 10.20 -20.80 -16.55
C GLU A 276 9.31 -20.18 -17.60
N THR A 277 8.02 -20.11 -17.33
CA THR A 277 7.11 -19.46 -18.27
C THR A 277 7.40 -17.95 -18.35
N THR A 278 7.77 -17.34 -17.21
CA THR A 278 8.19 -15.94 -17.20
C THR A 278 9.42 -15.76 -18.09
N TYR A 279 10.42 -16.62 -17.86
CA TYR A 279 11.63 -16.60 -18.68
C TYR A 279 11.29 -16.82 -20.17
N ASN A 280 10.49 -17.84 -20.50
CA ASN A 280 10.19 -18.14 -21.89
C ASN A 280 9.47 -16.98 -22.57
N SER A 281 8.57 -16.33 -21.82
CA SER A 281 7.85 -15.17 -22.31
C SER A 281 8.81 -14.03 -22.64
N ILE A 282 9.75 -13.76 -21.74
CA ILE A 282 10.74 -12.68 -21.98
C ILE A 282 11.54 -13.00 -23.26
N MET A 283 11.91 -14.28 -23.42
CA MET A 283 12.72 -14.70 -24.56
C MET A 283 12.03 -14.58 -25.91
N LYS A 284 10.70 -14.52 -25.92
CA LYS A 284 9.95 -14.27 -27.15
C LYS A 284 9.90 -12.80 -27.55
N CYS A 285 10.34 -11.93 -26.64
CA CYS A 285 10.29 -10.51 -26.91
C CYS A 285 11.59 -10.04 -27.54
N ASP A 286 11.47 -8.98 -28.34
CA ASP A 286 12.62 -8.23 -28.88
C ASP A 286 13.77 -8.15 -27.85
N ILE A 287 14.96 -8.57 -28.30
CA ILE A 287 16.16 -8.57 -27.47
CA ILE A 287 16.19 -8.54 -27.49
C ILE A 287 16.36 -7.23 -26.74
N ASP A 288 16.07 -6.12 -27.42
CA ASP A 288 16.30 -4.78 -26.90
C ASP A 288 15.41 -4.35 -25.72
N ILE A 289 14.34 -5.07 -25.46
CA ILE A 289 13.47 -4.68 -24.34
C ILE A 289 13.60 -5.62 -23.14
N ARG A 290 14.35 -6.70 -23.32
CA ARG A 290 14.38 -7.78 -22.33
C ARG A 290 14.88 -7.32 -20.97
N LYS A 291 15.93 -6.46 -20.94
CA LYS A 291 16.43 -5.93 -19.67
C LYS A 291 15.33 -5.17 -18.90
N ASP A 292 14.53 -4.37 -19.60
CA ASP A 292 13.41 -3.65 -18.98
C ASP A 292 12.34 -4.60 -18.41
N LEU A 293 12.14 -5.74 -19.07
CA LEU A 293 11.19 -6.75 -18.59
C LEU A 293 11.71 -7.38 -17.31
N TYR A 294 12.97 -7.82 -17.33
CA TYR A 294 13.56 -8.45 -16.15
C TYR A 294 13.55 -7.52 -14.95
N ALA A 295 13.77 -6.23 -15.22
CA ALA A 295 13.83 -5.22 -14.16
C ALA A 295 12.44 -4.81 -13.65
N ASN A 296 11.39 -5.35 -14.26
CA ASN A 296 10.04 -4.88 -14.00
C ASN A 296 9.03 -6.02 -14.03
N ASN A 297 9.29 -7.04 -13.22
CA ASN A 297 8.40 -8.18 -13.13
CA ASN A 297 8.41 -8.19 -13.13
C ASN A 297 7.35 -7.94 -12.07
N VAL A 298 6.09 -7.80 -12.49
CA VAL A 298 5.04 -7.47 -11.52
C VAL A 298 4.13 -8.70 -11.29
N MET A 299 3.92 -9.09 -10.03
CA MET A 299 2.96 -10.14 -9.65
C MET A 299 1.59 -9.55 -9.42
N SER A 300 0.56 -10.25 -9.88
CA SER A 300 -0.82 -9.84 -9.64
C SER A 300 -1.78 -11.02 -9.57
N GLY A 301 -2.91 -10.82 -8.90
CA GLY A 301 -3.93 -11.86 -8.77
C GLY A 301 -3.79 -12.55 -7.43
N GLY A 302 -4.88 -13.17 -6.99
CA GLY A 302 -4.94 -13.75 -5.65
C GLY A 302 -4.00 -14.92 -5.43
N THR A 303 -3.64 -15.62 -6.51
CA THR A 303 -2.76 -16.79 -6.39
C THR A 303 -1.28 -16.41 -6.32
N THR A 304 -0.96 -15.11 -6.50
CA THR A 304 0.38 -14.61 -6.19
C THR A 304 0.53 -14.11 -4.74
N MET A 305 -0.48 -14.30 -3.91
CA MET A 305 -0.44 -13.71 -2.56
C MET A 305 0.36 -14.53 -1.54
N TYR A 306 0.91 -15.68 -1.93
CA TYR A 306 1.61 -16.54 -0.97
C TYR A 306 2.84 -15.86 -0.42
N PRO A 307 2.99 -15.84 0.92
CA PRO A 307 4.23 -15.29 1.46
C PRO A 307 5.42 -16.06 0.90
N GLY A 308 6.53 -15.37 0.64
CA GLY A 308 7.71 -16.03 0.06
C GLY A 308 7.79 -16.11 -1.47
N ILE A 309 6.70 -15.75 -2.17
CA ILE A 309 6.68 -15.94 -3.62
C ILE A 309 7.64 -15.01 -4.37
N ALA A 310 7.73 -13.74 -3.93
CA ALA A 310 8.61 -12.76 -4.60
C ALA A 310 10.06 -13.15 -4.48
N ASP A 311 10.48 -13.59 -3.30
CA ASP A 311 11.86 -14.06 -3.11
C ASP A 311 12.20 -15.35 -3.87
N ARG A 312 11.25 -16.27 -3.94
CA ARG A 312 11.45 -17.48 -4.74
C ARG A 312 11.53 -17.17 -6.23
N MET A 313 10.62 -16.33 -6.71
CA MET A 313 10.67 -15.89 -8.11
C MET A 313 11.99 -15.16 -8.44
N GLN A 314 12.47 -14.31 -7.54
CA GLN A 314 13.76 -13.63 -7.72
C GLN A 314 14.87 -14.67 -7.94
N LYS A 315 14.95 -15.63 -7.04
CA LYS A 315 15.97 -16.66 -7.06
C LYS A 315 15.86 -17.53 -8.32
N GLU A 316 14.66 -17.95 -8.65
CA GLU A 316 14.44 -18.80 -9.81
C GLU A 316 14.75 -18.11 -11.14
N ILE A 317 14.29 -16.88 -11.32
CA ILE A 317 14.57 -16.14 -12.56
C ILE A 317 16.07 -15.80 -12.69
N THR A 318 16.71 -15.47 -11.56
CA THR A 318 18.18 -15.24 -11.57
C THR A 318 18.92 -16.46 -12.12
N ALA A 319 18.51 -17.66 -11.70
CA ALA A 319 19.11 -18.91 -12.16
C ALA A 319 18.93 -19.20 -13.66
N LEU A 320 17.84 -18.73 -14.24
CA LEU A 320 17.55 -18.94 -15.65
C LEU A 320 18.14 -17.85 -16.56
N ALA A 321 18.17 -16.62 -16.06
CA ALA A 321 18.55 -15.43 -16.84
C ALA A 321 20.05 -15.30 -17.04
N PRO A 322 20.49 -14.53 -18.07
CA PRO A 322 21.93 -14.29 -18.22
C PRO A 322 22.57 -13.88 -16.89
N SER A 323 23.74 -14.45 -16.61
CA SER A 323 24.40 -14.35 -15.31
C SER A 323 24.54 -12.93 -14.77
N THR A 324 24.52 -11.96 -15.68
CA THR A 324 24.69 -10.53 -15.34
C THR A 324 23.38 -9.83 -14.95
N MET A 325 22.28 -10.24 -15.59
CA MET A 325 21.01 -9.50 -15.64
C MET A 325 20.47 -9.01 -14.31
N LYS A 326 19.91 -7.80 -14.31
CA LYS A 326 19.28 -7.23 -13.12
C LYS A 326 17.80 -7.59 -13.07
N ILE A 327 17.42 -8.37 -12.07
CA ILE A 327 16.05 -8.86 -11.94
C ILE A 327 15.37 -8.13 -10.79
N LYS A 328 14.14 -7.68 -10.99
CA LYS A 328 13.37 -7.07 -9.89
C LYS A 328 11.94 -7.58 -9.90
N ILE A 329 11.50 -8.16 -8.79
CA ILE A 329 10.09 -8.56 -8.64
C ILE A 329 9.33 -7.51 -7.85
N ILE A 330 8.19 -7.05 -8.39
CA ILE A 330 7.34 -6.14 -7.67
C ILE A 330 6.08 -6.89 -7.26
N ALA A 331 5.83 -6.98 -5.95
CA ALA A 331 4.66 -7.70 -5.47
C ALA A 331 3.86 -6.82 -4.52
N PRO A 332 2.94 -5.98 -5.07
CA PRO A 332 2.17 -5.06 -4.23
C PRO A 332 1.31 -5.78 -3.18
N PRO A 333 1.21 -5.23 -1.96
CA PRO A 333 0.37 -5.84 -0.91
C PRO A 333 -1.04 -6.05 -1.37
N GLU A 334 -1.52 -5.14 -2.20
CA GLU A 334 -2.92 -5.23 -2.63
CA GLU A 334 -2.89 -5.10 -2.69
C GLU A 334 -3.14 -5.91 -3.98
N ARG A 335 -2.17 -6.73 -4.39
CA ARG A 335 -2.16 -7.36 -5.71
C ARG A 335 -3.33 -8.26 -6.05
N LYS A 336 -4.07 -8.72 -5.06
CA LYS A 336 -5.30 -9.45 -5.37
C LYS A 336 -6.38 -8.52 -5.99
N TYR A 337 -6.20 -7.21 -5.85
CA TYR A 337 -7.10 -6.22 -6.47
C TYR A 337 -6.43 -5.27 -7.43
N SER A 338 -5.18 -5.54 -7.82
CA SER A 338 -4.44 -4.58 -8.61
C SER A 338 -5.03 -4.37 -10.03
N VAL A 339 -5.65 -5.38 -10.62
CA VAL A 339 -6.31 -5.18 -11.91
C VAL A 339 -7.38 -4.10 -11.74
N TRP A 340 -8.26 -4.30 -10.76
CA TRP A 340 -9.34 -3.34 -10.48
C TRP A 340 -8.77 -1.93 -10.22
N ILE A 341 -7.74 -1.86 -9.37
CA ILE A 341 -7.11 -0.59 -8.98
C ILE A 341 -6.57 0.14 -10.18
N GLY A 342 -5.90 -0.61 -11.04
CA GLY A 342 -5.41 -0.05 -12.29
C GLY A 342 -6.54 0.57 -13.11
N GLY A 343 -7.69 -0.10 -13.14
CA GLY A 343 -8.84 0.40 -13.89
C GLY A 343 -9.37 1.67 -13.24
N SER A 344 -9.32 1.73 -11.90
CA SER A 344 -9.81 2.88 -11.15
C SER A 344 -8.94 4.14 -11.40
N ILE A 345 -7.62 3.94 -11.39
CA ILE A 345 -6.67 4.99 -11.72
C ILE A 345 -6.91 5.43 -13.17
N LEU A 346 -6.87 4.48 -14.11
CA LEU A 346 -7.01 4.83 -15.52
C LEU A 346 -8.26 5.66 -15.82
N ALA A 347 -9.42 5.18 -15.36
CA ALA A 347 -10.71 5.84 -15.59
C ALA A 347 -10.80 7.22 -14.93
N SER A 348 -9.91 7.49 -13.97
CA SER A 348 -9.87 8.80 -13.27
C SER A 348 -9.00 9.88 -13.94
N LEU A 349 -8.15 9.49 -14.88
CA LEU A 349 -7.24 10.43 -15.55
C LEU A 349 -7.92 11.35 -16.55
N SER A 350 -7.59 12.64 -16.53
CA SER A 350 -8.18 13.56 -17.49
C SER A 350 -7.73 13.16 -18.89
N THR A 351 -6.50 12.68 -19.01
CA THR A 351 -5.96 12.22 -20.30
C THR A 351 -6.69 10.99 -20.82
N PHE A 352 -7.39 10.26 -19.96
CA PHE A 352 -8.17 9.09 -20.39
C PHE A 352 -9.55 9.43 -20.97
N GLN A 353 -10.08 10.61 -20.64
CA GLN A 353 -11.48 10.90 -20.96
C GLN A 353 -11.79 10.88 -22.47
N GLN A 354 -10.82 11.23 -23.31
CA GLN A 354 -11.00 11.15 -24.74
C GLN A 354 -11.04 9.70 -25.25
N MET A 355 -10.60 8.73 -24.43
CA MET A 355 -10.52 7.32 -24.86
CA MET A 355 -10.52 7.34 -24.88
C MET A 355 -11.80 6.53 -24.67
N TRP A 356 -12.73 7.03 -23.85
CA TRP A 356 -14.02 6.34 -23.71
C TRP A 356 -14.66 6.21 -25.08
N ILE A 357 -15.23 5.05 -25.34
CA ILE A 357 -16.09 4.87 -26.50
C ILE A 357 -17.52 5.23 -26.10
N THR A 358 -18.07 6.27 -26.72
CA THR A 358 -19.45 6.69 -26.40
C THR A 358 -20.49 5.94 -27.20
N LYS A 359 -21.73 5.96 -26.70
CA LYS A 359 -22.87 5.35 -27.36
C LYS A 359 -23.12 5.97 -28.74
N GLN A 360 -23.01 7.29 -28.84
CA GLN A 360 -23.17 7.99 -30.14
C GLN A 360 -22.16 7.45 -31.17
N GLU A 361 -20.90 7.31 -30.74
CA GLU A 361 -19.82 6.80 -31.57
C GLU A 361 -20.08 5.37 -32.02
N TYR A 362 -20.53 4.52 -31.10
CA TYR A 362 -20.84 3.11 -31.42
C TYR A 362 -22.05 3.00 -32.33
N ASP A 363 -23.01 3.90 -32.16
CA ASP A 363 -24.24 3.84 -32.95
C ASP A 363 -23.94 4.06 -34.42
N GLU A 364 -23.10 5.07 -34.70
CA GLU A 364 -22.58 5.27 -36.06
C GLU A 364 -21.58 4.17 -36.47
N ALA A 365 -20.39 4.16 -35.87
CA ALA A 365 -19.27 3.28 -36.27
C ALA A 365 -19.48 1.77 -36.15
N GLY A 366 -20.33 1.35 -35.23
CA GLY A 366 -20.60 -0.09 -35.02
C GLY A 366 -19.52 -0.84 -34.26
N PRO A 367 -19.64 -2.19 -34.21
CA PRO A 367 -18.75 -3.16 -33.53
C PRO A 367 -17.25 -2.82 -33.55
N SER A 368 -16.75 -2.41 -34.72
CA SER A 368 -15.32 -2.20 -34.99
C SER A 368 -14.59 -1.31 -34.00
N ILE A 369 -15.28 -0.27 -33.53
CA ILE A 369 -14.68 0.82 -32.74
C ILE A 369 -13.92 0.38 -31.47
N VAL A 370 -14.27 -0.80 -30.93
CA VAL A 370 -13.78 -1.23 -29.61
C VAL A 370 -12.30 -1.72 -29.54
N HIS A 371 -11.66 -1.92 -30.69
CA HIS A 371 -10.31 -2.51 -30.74
C HIS A 371 -9.15 -1.50 -30.77
N GLU B 4 22.11 6.69 -16.13
CA GLU B 4 20.91 7.41 -15.60
C GLU B 4 21.14 7.77 -14.12
N THR B 5 21.26 9.07 -13.84
CA THR B 5 21.63 9.57 -12.53
C THR B 5 20.47 9.43 -11.52
N THR B 6 20.75 8.83 -10.37
CA THR B 6 19.71 8.65 -9.36
C THR B 6 19.62 9.90 -8.47
N ALA B 7 18.40 10.33 -8.20
CA ALA B 7 18.20 11.41 -7.24
C ALA B 7 18.01 10.81 -5.85
N LEU B 8 18.39 11.59 -4.85
CA LEU B 8 18.29 11.20 -3.45
C LEU B 8 17.10 11.88 -2.81
N VAL B 9 16.45 11.19 -1.87
CA VAL B 9 15.35 11.78 -1.09
C VAL B 9 15.69 11.62 0.39
N CYS B 10 15.76 12.74 1.11
CA CYS B 10 16.12 12.69 2.52
C CYS B 10 15.06 13.42 3.32
N ASP B 11 14.35 12.69 4.18
CA ASP B 11 13.23 13.24 4.95
C ASP B 11 13.70 13.32 6.40
N ASN B 12 13.98 14.54 6.82
CA ASN B 12 14.65 14.83 8.08
C ASN B 12 13.62 14.93 9.19
N GLY B 13 13.38 13.85 9.94
CA GLY B 13 12.37 13.88 11.00
C GLY B 13 12.91 14.24 12.38
N SER B 14 12.01 14.66 13.28
CA SER B 14 12.35 14.98 14.66
CA SER B 14 12.36 14.99 14.65
C SER B 14 12.97 13.79 15.38
N GLY B 15 12.42 12.59 15.13
CA GLY B 15 12.94 11.37 15.72
C GLY B 15 13.77 10.49 14.78
N LEU B 16 13.38 10.46 13.51
CA LEU B 16 13.96 9.52 12.52
C LEU B 16 14.24 10.21 11.21
N VAL B 17 15.42 9.92 10.66
CA VAL B 17 15.75 10.24 9.28
C VAL B 17 15.21 9.12 8.42
N LYS B 18 14.54 9.47 7.31
CA LYS B 18 14.17 8.50 6.28
C LYS B 18 14.87 8.91 4.98
N ALA B 19 15.65 7.99 4.41
CA ALA B 19 16.52 8.33 3.29
C ALA B 19 16.61 7.20 2.28
N GLY B 20 16.76 7.57 1.02
CA GLY B 20 16.86 6.59 -0.04
C GLY B 20 16.95 7.25 -1.40
N PHE B 21 16.52 6.50 -2.41
CA PHE B 21 16.70 6.85 -3.80
C PHE B 21 15.35 7.07 -4.45
N ALA B 22 15.22 8.18 -5.19
CA ALA B 22 14.01 8.47 -5.92
C ALA B 22 13.71 7.31 -6.88
N GLY B 23 12.47 6.86 -6.86
CA GLY B 23 12.02 5.75 -7.70
C GLY B 23 11.79 4.48 -6.90
N ASP B 24 12.44 4.35 -5.74
CA ASP B 24 12.18 3.25 -4.84
C ASP B 24 10.84 3.47 -4.12
N ASP B 25 10.20 2.38 -3.69
CA ASP B 25 8.89 2.44 -3.00
C ASP B 25 8.97 2.63 -1.48
N ALA B 26 10.18 2.63 -0.94
CA ALA B 26 10.41 2.77 0.50
C ALA B 26 11.81 3.35 0.72
N PRO B 27 12.01 4.08 1.84
CA PRO B 27 13.37 4.56 2.15
C PRO B 27 14.30 3.36 2.41
N ARG B 28 15.52 3.43 1.90
CA ARG B 28 16.54 2.40 2.10
C ARG B 28 17.07 2.46 3.54
N ALA B 29 17.17 3.66 4.09
CA ALA B 29 17.72 3.86 5.45
C ALA B 29 16.75 4.61 6.34
N VAL B 30 16.53 4.10 7.55
CA VAL B 30 15.66 4.74 8.55
C VAL B 30 16.44 4.65 9.86
N PHE B 31 16.78 5.78 10.48
CA PHE B 31 17.63 5.75 11.67
C PHE B 31 17.39 6.97 12.55
N PRO B 32 17.75 6.88 13.85
CA PRO B 32 17.42 7.94 14.80
C PRO B 32 18.16 9.25 14.48
N SER B 33 17.44 10.37 14.57
CA SER B 33 18.00 11.69 14.29
CA SER B 33 18.04 11.66 14.28
C SER B 33 18.85 12.17 15.48
N ILE B 34 19.91 11.42 15.80
CA ILE B 34 20.72 11.64 17.01
CA ILE B 34 20.73 11.73 16.97
C ILE B 34 22.21 11.79 16.64
N VAL B 35 22.89 12.72 17.31
CA VAL B 35 24.34 12.85 17.23
C VAL B 35 24.91 12.70 18.65
N GLY B 36 25.80 11.72 18.84
CA GLY B 36 26.45 11.51 20.13
C GLY B 36 27.94 11.84 20.12
N ARG B 37 28.40 12.41 21.22
CA ARG B 37 29.83 12.74 21.40
C ARG B 37 30.32 12.14 22.72
N PRO B 38 31.64 11.82 22.80
CA PRO B 38 32.22 11.22 24.01
C PRO B 38 31.88 12.05 25.26
N ARG B 39 31.31 11.37 26.27
CA ARG B 39 30.96 12.02 27.55
C ARG B 39 32.11 12.79 28.21
N ASP B 51 35.40 11.33 17.25
CA ASP B 51 34.80 12.65 17.48
C ASP B 51 33.28 12.56 17.76
N SER B 52 32.54 11.89 16.89
CA SER B 52 31.07 11.88 16.97
C SER B 52 30.45 10.61 16.37
N TYR B 53 29.32 10.20 16.91
CA TYR B 53 28.57 9.07 16.39
C TYR B 53 27.18 9.53 15.97
N VAL B 54 26.60 8.88 14.97
CA VAL B 54 25.28 9.25 14.47
C VAL B 54 24.33 8.07 14.42
N GLY B 55 23.07 8.31 14.73
CA GLY B 55 22.01 7.33 14.55
C GLY B 55 22.16 6.08 15.39
N ASP B 56 22.08 4.92 14.75
CA ASP B 56 22.05 3.62 15.43
C ASP B 56 23.23 3.38 16.36
N GLU B 57 24.44 3.71 15.91
CA GLU B 57 25.65 3.60 16.73
C GLU B 57 25.66 4.53 17.93
N ALA B 58 25.25 5.77 17.71
CA ALA B 58 25.12 6.73 18.81
C ALA B 58 24.14 6.18 19.85
N GLN B 59 23.04 5.61 19.35
CA GLN B 59 22.03 4.98 20.18
C GLN B 59 22.60 3.76 20.95
N SER B 60 23.31 2.89 20.26
CA SER B 60 23.84 1.69 20.91
C SER B 60 24.98 2.00 21.88
N LYS B 61 25.58 3.19 21.74
CA LYS B 61 26.66 3.63 22.63
C LYS B 61 26.24 4.72 23.61
N ARG B 62 24.93 4.86 23.86
CA ARG B 62 24.37 5.86 24.81
C ARG B 62 25.22 6.09 26.06
N GLY B 63 25.47 5.01 26.81
CA GLY B 63 26.09 5.07 28.13
C GLY B 63 27.49 5.65 28.21
N ILE B 64 28.13 5.86 27.05
CA ILE B 64 29.43 6.51 27.03
C ILE B 64 29.42 7.82 26.25
N LEU B 65 28.23 8.20 25.77
CA LEU B 65 28.08 9.41 24.99
C LEU B 65 27.04 10.36 25.59
N THR B 66 27.15 11.62 25.22
CA THR B 66 26.10 12.62 25.43
CA THR B 66 26.06 12.56 25.45
C THR B 66 25.32 12.79 24.12
N LEU B 67 24.02 12.52 24.13
CA LEU B 67 23.18 12.57 22.92
C LEU B 67 22.56 13.94 22.65
N LYS B 68 22.60 14.38 21.40
CA LYS B 68 21.92 15.60 20.96
C LYS B 68 20.91 15.30 19.86
N TYR B 69 19.82 16.06 19.85
CA TYR B 69 18.72 15.88 18.89
CA TYR B 69 18.74 15.88 18.89
C TYR B 69 18.59 17.20 18.12
N PRO B 70 19.28 17.33 16.96
CA PRO B 70 19.31 18.64 16.29
C PRO B 70 18.01 19.10 15.61
N ILE B 71 16.98 18.26 15.58
N ILE B 71 17.03 18.19 15.56
CA ILE B 71 15.74 18.65 14.88
CA ILE B 71 15.69 18.44 15.04
C ILE B 71 14.52 18.80 15.78
C ILE B 71 14.64 17.92 16.01
N GLU B 72 14.54 19.82 16.63
N GLU B 72 14.71 18.37 17.25
CA GLU B 72 13.51 20.00 17.65
CA GLU B 72 13.77 18.02 18.31
C GLU B 72 12.16 20.35 17.07
C GLU B 72 12.28 18.16 17.97
N HIS B 73 11.20 19.47 17.35
N HIS B 73 11.91 19.32 17.40
CA HIS B 73 9.81 19.61 17.00
CA HIS B 73 10.50 19.77 17.15
C HIS B 73 9.70 19.84 15.51
C HIS B 73 10.08 20.02 15.68
N GLY B 74 10.60 19.21 14.76
CA GLY B 74 10.53 19.38 13.30
C GLY B 74 11.48 20.40 12.67
N ILE B 75 11.92 21.38 13.45
CA ILE B 75 12.76 22.48 12.94
C ILE B 75 14.21 22.22 13.29
N ILE B 76 15.10 22.43 12.33
CA ILE B 76 16.52 22.21 12.57
C ILE B 76 17.07 23.33 13.45
N THR B 77 17.57 22.97 14.64
CA THR B 77 18.09 23.96 15.60
C THR B 77 19.61 23.97 15.79
N ASN B 78 20.31 22.98 15.24
CA ASN B 78 21.74 22.86 15.47
C ASN B 78 22.42 22.44 14.19
N TRP B 79 22.99 23.43 13.50
CA TRP B 79 23.55 23.19 12.15
C TRP B 79 24.81 22.31 12.14
N ASP B 80 25.64 22.41 13.18
CA ASP B 80 26.84 21.58 13.25
C ASP B 80 26.44 20.11 13.31
N ASP B 81 25.51 19.78 14.20
CA ASP B 81 25.02 18.40 14.34
C ASP B 81 24.20 17.93 13.14
N MET B 82 23.40 18.83 12.56
CA MET B 82 22.64 18.44 11.37
C MET B 82 23.58 18.05 10.22
N GLU B 83 24.66 18.82 10.04
CA GLU B 83 25.69 18.47 9.05
C GLU B 83 26.20 17.07 9.28
N LYS B 84 26.44 16.72 10.54
CA LYS B 84 26.92 15.36 10.86
C LYS B 84 25.92 14.27 10.46
N ILE B 85 24.65 14.56 10.67
CA ILE B 85 23.58 13.67 10.24
C ILE B 85 23.56 13.51 8.71
N TRP B 86 23.62 14.62 7.99
CA TRP B 86 23.61 14.54 6.53
C TRP B 86 24.85 13.82 5.99
N HIS B 87 26.02 14.13 6.56
CA HIS B 87 27.24 13.45 6.16
C HIS B 87 27.09 11.92 6.33
N HIS B 88 26.64 11.51 7.51
CA HIS B 88 26.42 10.10 7.83
C HIS B 88 25.40 9.47 6.85
N THR B 89 24.35 10.22 6.55
CA THR B 89 23.32 9.77 5.61
C THR B 89 23.93 9.50 4.24
N PHE B 90 24.71 10.43 3.70
CA PHE B 90 25.29 10.22 2.39
C PHE B 90 26.34 9.10 2.42
N TYR B 91 27.35 9.25 3.28
CA TYR B 91 28.53 8.39 3.25
C TYR B 91 28.33 7.00 3.86
N ASN B 92 27.60 6.92 4.97
CA ASN B 92 27.46 5.66 5.71
C ASN B 92 26.16 4.91 5.43
N GLU B 93 25.05 5.61 5.22
CA GLU B 93 23.77 4.89 5.06
C GLU B 93 23.49 4.57 3.61
N LEU B 94 23.60 5.59 2.75
CA LEU B 94 23.29 5.44 1.35
C LEU B 94 24.53 5.04 0.52
N ARG B 95 25.71 5.32 1.07
CA ARG B 95 27.00 5.09 0.38
C ARG B 95 27.08 5.77 -0.98
N VAL B 96 26.81 7.08 -1.01
CA VAL B 96 26.87 7.86 -2.23
C VAL B 96 27.75 9.09 -2.02
N ALA B 97 28.37 9.58 -3.09
CA ALA B 97 29.03 10.88 -3.09
C ALA B 97 27.95 11.91 -3.40
N PRO B 98 27.68 12.84 -2.45
CA PRO B 98 26.51 13.74 -2.69
C PRO B 98 26.72 14.70 -3.87
N GLU B 99 27.98 14.97 -4.23
CA GLU B 99 28.27 15.81 -5.40
C GLU B 99 27.79 15.17 -6.72
N GLU B 100 27.45 13.89 -6.69
CA GLU B 100 27.00 13.18 -7.89
C GLU B 100 25.45 12.97 -8.01
N HIS B 101 24.67 13.55 -7.09
CA HIS B 101 23.22 13.29 -7.10
C HIS B 101 22.37 14.50 -6.77
N PRO B 102 21.31 14.75 -7.57
CA PRO B 102 20.34 15.75 -7.16
C PRO B 102 19.67 15.24 -5.89
N THR B 103 19.43 16.14 -4.94
CA THR B 103 19.00 15.73 -3.62
C THR B 103 17.75 16.47 -3.22
N LEU B 104 16.67 15.74 -2.94
CA LEU B 104 15.44 16.38 -2.47
C LEU B 104 15.42 16.29 -0.95
N LEU B 105 15.28 17.45 -0.29
CA LEU B 105 15.20 17.49 1.17
C LEU B 105 13.80 17.90 1.58
N THR B 106 13.42 17.57 2.81
CA THR B 106 12.08 17.95 3.28
C THR B 106 12.22 18.91 4.43
N GLU B 107 11.17 19.70 4.68
CA GLU B 107 11.13 20.61 5.83
C GLU B 107 9.78 20.61 6.56
N ALA B 108 9.80 21.08 7.81
CA ALA B 108 8.57 21.23 8.61
C ALA B 108 7.63 22.30 8.05
N PRO B 109 6.32 22.19 8.35
CA PRO B 109 5.41 23.29 8.06
C PRO B 109 5.90 24.54 8.78
N LEU B 110 5.75 25.69 8.14
CA LEU B 110 6.17 26.99 8.71
C LEU B 110 7.67 27.08 9.06
N ASN B 111 8.50 26.36 8.30
CA ASN B 111 9.93 26.45 8.51
C ASN B 111 10.39 27.88 8.14
N PRO B 112 11.15 28.55 9.02
CA PRO B 112 11.54 29.94 8.68
C PRO B 112 12.35 29.97 7.39
N LYS B 113 12.16 31.04 6.63
CA LYS B 113 12.91 31.23 5.38
C LYS B 113 14.44 31.15 5.55
N ALA B 114 15.00 31.74 6.60
CA ALA B 114 16.49 31.68 6.81
C ALA B 114 16.96 30.25 7.06
N ASN B 115 16.07 29.46 7.65
CA ASN B 115 16.30 28.05 7.86
C ASN B 115 16.40 27.28 6.52
N ARG B 116 15.40 27.48 5.64
CA ARG B 116 15.46 26.88 4.31
C ARG B 116 16.72 27.33 3.51
N GLU B 117 17.06 28.60 3.65
CA GLU B 117 18.26 29.13 3.01
C GLU B 117 19.53 28.54 3.56
N LYS B 118 19.55 28.23 4.85
CA LYS B 118 20.72 27.60 5.45
C LYS B 118 20.88 26.15 4.98
N MET B 119 19.77 25.40 4.97
CA MET B 119 19.74 24.04 4.44
CA MET B 119 19.75 24.03 4.44
C MET B 119 20.36 23.98 3.04
N THR B 120 19.95 24.92 2.20
CA THR B 120 20.39 25.06 0.80
C THR B 120 21.90 25.40 0.70
N GLN B 121 22.34 26.37 1.51
CA GLN B 121 23.76 26.78 1.56
C GLN B 121 24.66 25.61 1.94
N ILE B 122 24.26 24.84 2.96
CA ILE B 122 25.00 23.64 3.33
C ILE B 122 25.06 22.63 2.17
N MET B 123 23.90 22.28 1.60
CA MET B 123 23.87 21.32 0.50
C MET B 123 24.78 21.70 -0.66
N PHE B 124 24.72 22.96 -1.08
CA PHE B 124 25.50 23.40 -2.24
C PHE B 124 26.98 23.63 -1.96
N GLU B 125 27.28 24.18 -0.78
CA GLU B 125 28.63 24.65 -0.47
C GLU B 125 29.46 23.68 0.34
N THR B 126 28.81 22.89 1.20
CA THR B 126 29.51 21.88 1.96
C THR B 126 29.47 20.54 1.23
N PHE B 127 28.29 20.17 0.72
CA PHE B 127 28.15 18.85 0.10
C PHE B 127 28.30 18.84 -1.41
N ASN B 128 28.30 20.04 -2.01
CA ASN B 128 28.50 20.22 -3.46
CA ASN B 128 28.52 20.21 -3.45
C ASN B 128 27.52 19.44 -4.32
N VAL B 129 26.26 19.37 -3.85
CA VAL B 129 25.22 18.72 -4.65
C VAL B 129 25.06 19.47 -5.99
N PRO B 130 24.80 18.75 -7.09
CA PRO B 130 24.63 19.43 -8.38
C PRO B 130 23.31 20.19 -8.50
N ALA B 131 22.31 19.79 -7.71
CA ALA B 131 20.94 20.29 -7.83
C ALA B 131 20.22 19.85 -6.57
N MET B 132 19.20 20.61 -6.18
CA MET B 132 18.42 20.23 -5.01
CA MET B 132 18.42 20.27 -4.98
C MET B 132 17.03 20.88 -5.00
N TYR B 133 16.20 20.45 -4.05
CA TYR B 133 14.85 20.94 -3.88
C TYR B 133 14.43 20.73 -2.43
N VAL B 134 13.60 21.62 -1.90
CA VAL B 134 13.10 21.46 -0.54
C VAL B 134 11.59 21.45 -0.60
N ALA B 135 10.98 20.40 -0.07
CA ALA B 135 9.53 20.32 -0.06
C ALA B 135 9.01 20.28 1.37
N ILE B 136 7.79 20.78 1.56
CA ILE B 136 7.13 20.73 2.86
C ILE B 136 6.65 19.29 3.02
N GLN B 137 6.94 18.71 4.19
CA GLN B 137 6.64 17.31 4.48
C GLN B 137 5.18 16.91 4.24
N ALA B 138 4.25 17.68 4.78
CA ALA B 138 2.82 17.34 4.62
C ALA B 138 2.38 17.39 3.17
N VAL B 139 2.97 18.30 2.39
CA VAL B 139 2.66 18.41 0.98
C VAL B 139 3.09 17.14 0.22
N LEU B 140 4.27 16.60 0.53
CA LEU B 140 4.72 15.34 -0.07
C LEU B 140 3.77 14.18 0.30
N SER B 141 3.33 14.12 1.55
CA SER B 141 2.36 13.05 1.91
C SER B 141 1.05 13.17 1.15
N LEU B 142 0.61 14.40 0.90
CA LEU B 142 -0.60 14.59 0.07
C LEU B 142 -0.37 14.04 -1.32
N TYR B 143 0.77 14.37 -1.91
CA TYR B 143 1.12 13.89 -3.26
C TYR B 143 1.09 12.37 -3.30
N ALA B 144 1.62 11.75 -2.26
CA ALA B 144 1.73 10.31 -2.17
C ALA B 144 0.37 9.62 -2.14
N SER B 145 -0.65 10.34 -1.66
CA SER B 145 -2.01 9.83 -1.64
C SER B 145 -2.72 10.08 -2.98
N GLY B 146 -2.00 10.69 -3.94
CA GLY B 146 -2.53 10.98 -5.28
C GLY B 146 -3.35 12.27 -5.45
N ARG B 147 -3.12 13.25 -4.56
CA ARG B 147 -3.92 14.49 -4.50
C ARG B 147 -3.05 15.72 -4.48
N THR B 148 -3.59 16.85 -4.92
CA THR B 148 -2.89 18.13 -4.73
C THR B 148 -3.70 19.14 -3.90
N THR B 149 -4.93 18.74 -3.53
CA THR B 149 -5.78 19.49 -2.60
C THR B 149 -6.29 18.55 -1.49
N GLY B 150 -6.15 19.01 -0.26
CA GLY B 150 -6.65 18.26 0.90
C GLY B 150 -6.05 18.80 2.19
N ILE B 151 -6.37 18.16 3.30
CA ILE B 151 -5.79 18.55 4.58
C ILE B 151 -5.08 17.37 5.24
N VAL B 152 -3.81 17.59 5.54
CA VAL B 152 -2.99 16.53 6.13
C VAL B 152 -2.94 16.67 7.64
N LEU B 153 -3.14 15.57 8.35
CA LEU B 153 -2.75 15.47 9.74
C LEU B 153 -1.45 14.66 9.79
N ASP B 154 -0.36 15.35 10.11
CA ASP B 154 0.98 14.76 10.16
C ASP B 154 1.40 14.70 11.62
N SER B 155 1.48 13.49 12.15
CA SER B 155 1.85 13.27 13.55
C SER B 155 3.08 12.37 13.61
N GLY B 156 4.19 12.91 14.09
CA GLY B 156 5.46 12.20 14.08
C GLY B 156 5.93 11.81 15.47
N ASP B 157 7.21 12.06 15.74
CA ASP B 157 7.79 11.68 17.03
C ASP B 157 7.71 12.86 18.00
N GLY B 158 8.03 14.06 17.53
CA GLY B 158 8.10 15.21 18.41
C GLY B 158 7.05 16.30 18.20
N VAL B 159 6.35 16.27 17.07
CA VAL B 159 5.36 17.33 16.70
C VAL B 159 4.22 16.79 15.84
N THR B 160 3.07 17.48 15.90
CA THR B 160 1.90 17.13 15.08
C THR B 160 1.45 18.41 14.40
N HIS B 161 1.16 18.34 13.09
CA HIS B 161 0.61 19.49 12.36
C HIS B 161 -0.64 19.14 11.57
N ASN B 162 -1.52 20.13 11.43
CA ASN B 162 -2.57 20.14 10.42
C ASN B 162 -2.15 21.08 9.33
N VAL B 163 -2.08 20.58 8.10
CA VAL B 163 -1.66 21.39 6.98
C VAL B 163 -2.69 21.28 5.86
N PRO B 164 -3.52 22.32 5.67
CA PRO B 164 -4.36 22.35 4.48
C PRO B 164 -3.59 22.84 3.25
N ILE B 165 -3.94 22.27 2.09
CA ILE B 165 -3.15 22.45 0.88
C ILE B 165 -4.15 22.63 -0.25
N TYR B 166 -3.97 23.65 -1.06
CA TYR B 166 -4.88 23.89 -2.19
C TYR B 166 -4.07 23.92 -3.48
N GLU B 167 -4.42 23.08 -4.45
CA GLU B 167 -3.69 23.05 -5.73
C GLU B 167 -2.16 22.99 -5.54
N GLY B 168 -1.74 22.18 -4.60
CA GLY B 168 -0.34 21.87 -4.43
C GLY B 168 0.42 22.75 -3.49
N TYR B 169 -0.21 23.81 -2.95
CA TYR B 169 0.44 24.79 -2.06
C TYR B 169 -0.15 24.72 -0.65
N ALA B 170 0.71 24.57 0.38
CA ALA B 170 0.26 24.68 1.79
C ALA B 170 -0.28 26.08 2.06
N LEU B 171 -1.31 26.19 2.89
CA LEU B 171 -1.88 27.48 3.27
C LEU B 171 -1.39 27.86 4.67
N PRO B 172 -0.36 28.73 4.73
CA PRO B 172 0.36 28.97 5.99
C PRO B 172 -0.53 29.53 7.11
N HIS B 173 -1.50 30.37 6.74
CA HIS B 173 -2.37 31.04 7.72
C HIS B 173 -3.27 30.06 8.45
N ALA B 174 -3.46 28.85 7.88
CA ALA B 174 -4.35 27.85 8.47
C ALA B 174 -3.62 26.63 9.09
N ILE B 175 -2.29 26.64 9.05
CA ILE B 175 -1.52 25.55 9.64
C ILE B 175 -1.61 25.55 11.17
N MET B 176 -1.87 24.39 11.74
CA MET B 176 -1.94 24.25 13.20
C MET B 176 -0.80 23.35 13.66
N ARG B 177 -0.15 23.75 14.74
CA ARG B 177 0.96 23.00 15.31
C ARG B 177 0.54 22.54 16.69
N LEU B 178 0.69 21.25 16.95
CA LEU B 178 0.42 20.70 18.27
C LEU B 178 1.70 20.03 18.78
N ASP B 179 2.17 20.48 19.96
CA ASP B 179 3.42 19.96 20.51
CA ASP B 179 3.41 20.00 20.56
C ASP B 179 3.15 18.71 21.34
N LEU B 180 2.62 17.72 20.67
CA LEU B 180 2.28 16.45 21.27
C LEU B 180 2.38 15.44 20.15
N ALA B 181 3.16 14.40 20.36
CA ALA B 181 3.32 13.35 19.36
C ALA B 181 3.85 12.06 19.99
N GLY B 182 4.55 11.27 19.20
CA GLY B 182 4.88 9.88 19.54
C GLY B 182 5.67 9.72 20.81
N ARG B 183 6.66 10.59 21.00
CA ARG B 183 7.48 10.58 22.20
C ARG B 183 6.63 10.79 23.47
N ASP B 184 5.65 11.70 23.41
CA ASP B 184 4.75 11.91 24.53
C ASP B 184 3.85 10.72 24.82
N LEU B 185 3.39 10.05 23.75
CA LEU B 185 2.55 8.88 23.89
C LEU B 185 3.34 7.73 24.56
N THR B 186 4.58 7.52 24.11
CA THR B 186 5.47 6.56 24.76
C THR B 186 5.65 6.88 26.24
N ASP B 187 5.91 8.15 26.55
CA ASP B 187 6.05 8.62 27.94
C ASP B 187 4.80 8.37 28.75
N TYR B 188 3.64 8.61 28.15
CA TYR B 188 2.38 8.41 28.82
C TYR B 188 2.04 6.92 29.04
N LEU B 189 2.41 6.07 28.07
CA LEU B 189 2.21 4.65 28.24
C LEU B 189 3.07 4.12 29.39
N MET B 190 4.32 4.56 29.46
CA MET B 190 5.15 4.20 30.63
C MET B 190 4.43 4.59 31.92
N LYS B 191 3.89 5.81 31.95
CA LYS B 191 3.25 6.32 33.15
C LYS B 191 2.04 5.48 33.55
N ILE B 192 1.17 5.17 32.60
CA ILE B 192 -0.03 4.43 32.96
C ILE B 192 0.27 2.94 33.25
N LEU B 193 1.35 2.42 32.68
CA LEU B 193 1.74 1.04 32.98
C LEU B 193 2.26 0.92 34.43
N THR B 194 2.89 2.00 34.91
CA THR B 194 3.38 2.08 36.27
C THR B 194 2.22 1.97 37.29
N GLU B 195 1.06 2.51 36.92
CA GLU B 195 -0.14 2.43 37.76
C GLU B 195 -0.51 1.00 38.08
N ARG B 196 -0.17 0.12 37.13
CA ARG B 196 -0.45 -1.31 37.24
C ARG B 196 0.55 -2.05 38.12
N GLY B 197 1.64 -1.39 38.51
CA GLY B 197 2.67 -2.04 39.31
C GLY B 197 3.87 -2.47 38.47
N TYR B 198 3.86 -2.14 37.18
CA TYR B 198 5.00 -2.46 36.33
C TYR B 198 6.04 -1.40 36.51
N SER B 199 7.29 -1.72 36.17
CA SER B 199 8.35 -0.73 36.30
C SER B 199 9.15 -0.53 35.01
N PHE B 200 8.97 0.63 34.39
CA PHE B 200 9.63 0.96 33.14
C PHE B 200 10.31 2.30 33.33
N VAL B 201 11.59 2.26 33.70
CA VAL B 201 12.31 3.47 34.07
C VAL B 201 13.53 3.73 33.17
N THR B 202 14.29 2.67 32.87
CA THR B 202 15.52 2.82 32.12
C THR B 202 15.29 3.12 30.63
N THR B 203 16.32 3.65 29.99
CA THR B 203 16.28 3.89 28.55
C THR B 203 15.97 2.57 27.78
N ALA B 204 16.56 1.45 28.19
CA ALA B 204 16.20 0.16 27.59
C ALA B 204 14.73 -0.19 27.84
N GLU B 205 14.24 0.19 29.02
CA GLU B 205 12.85 -0.09 29.37
C GLU B 205 11.88 0.76 28.57
N ARG B 206 12.26 2.00 28.30
CA ARG B 206 11.44 2.88 27.47
C ARG B 206 11.30 2.35 26.04
N GLU B 207 12.37 1.72 25.53
CA GLU B 207 12.29 1.10 24.21
C GLU B 207 11.32 -0.05 24.19
N ILE B 208 11.21 -0.81 25.29
CA ILE B 208 10.20 -1.87 25.40
C ILE B 208 8.78 -1.26 25.37
N VAL B 209 8.59 -0.16 26.07
CA VAL B 209 7.30 0.51 26.07
C VAL B 209 6.96 1.05 24.67
N ARG B 210 7.96 1.63 23.99
CA ARG B 210 7.77 2.03 22.60
C ARG B 210 7.28 0.87 21.72
N ASP B 211 7.86 -0.31 21.91
CA ASP B 211 7.41 -1.50 21.19
C ASP B 211 5.97 -1.91 21.55
N ILE B 212 5.64 -1.86 22.85
CA ILE B 212 4.27 -2.20 23.29
C ILE B 212 3.28 -1.27 22.59
N LYS B 213 3.61 0.04 22.62
CA LYS B 213 2.80 1.09 22.01
C LYS B 213 2.57 0.82 20.53
N GLU B 214 3.67 0.56 19.81
CA GLU B 214 3.61 0.35 18.36
C GLU B 214 2.89 -0.95 17.99
N LYS B 215 2.87 -1.92 18.90
CA LYS B 215 2.28 -3.23 18.58
C LYS B 215 0.87 -3.47 19.08
N LEU B 216 0.55 -2.93 20.26
CA LEU B 216 -0.70 -3.29 20.92
C LEU B 216 -1.71 -2.15 21.08
N CYS B 217 -1.28 -0.90 20.90
CA CYS B 217 -2.19 0.23 21.14
C CYS B 217 -3.20 0.39 20.00
N TYR B 218 -4.37 0.96 20.30
CA TYR B 218 -5.36 1.30 19.27
C TYR B 218 -6.23 2.46 19.74
N VAL B 219 -6.94 3.08 18.81
CA VAL B 219 -7.77 4.22 19.14
C VAL B 219 -9.21 3.67 19.27
N ALA B 220 -9.82 3.85 20.45
CA ALA B 220 -11.23 3.48 20.69
C ALA B 220 -12.18 4.31 19.84
N LEU B 221 -13.21 3.67 19.29
CA LEU B 221 -14.24 4.42 18.55
C LEU B 221 -15.05 5.30 19.49
N ASP B 222 -15.40 4.75 20.65
CA ASP B 222 -16.05 5.52 21.72
C ASP B 222 -15.32 5.22 23.00
N PHE B 223 -14.59 6.22 23.52
CA PHE B 223 -13.69 6.00 24.65
C PHE B 223 -14.41 5.50 25.92
N GLU B 224 -15.53 6.12 26.30
CA GLU B 224 -16.19 5.72 27.56
C GLU B 224 -16.80 4.31 27.47
N ASN B 225 -17.34 3.95 26.31
CA ASN B 225 -17.82 2.60 26.07
C ASN B 225 -16.70 1.57 26.11
N GLU B 226 -15.55 1.93 25.51
CA GLU B 226 -14.38 1.05 25.50
C GLU B 226 -13.88 0.81 26.91
N MET B 227 -13.89 1.87 27.72
CA MET B 227 -13.51 1.75 29.13
C MET B 227 -14.47 0.80 29.86
N ALA B 228 -15.77 0.92 29.60
CA ALA B 228 -16.75 0.01 30.24
C ALA B 228 -16.50 -1.44 29.83
N THR B 229 -16.26 -1.66 28.53
CA THR B 229 -15.96 -2.99 28.03
C THR B 229 -14.74 -3.60 28.74
N ALA B 230 -13.68 -2.81 28.89
CA ALA B 230 -12.45 -3.27 29.51
C ALA B 230 -12.61 -3.59 31.00
N ALA B 231 -13.52 -2.90 31.67
CA ALA B 231 -13.77 -3.10 33.09
C ALA B 231 -14.67 -4.30 33.39
N SER B 232 -15.52 -4.67 32.43
CA SER B 232 -16.53 -5.71 32.69
C SER B 232 -16.16 -7.06 32.07
N SER B 233 -15.01 -7.12 31.42
CA SER B 233 -14.60 -8.30 30.67
C SER B 233 -13.10 -8.20 30.43
N SER B 234 -12.50 -9.34 30.08
CA SER B 234 -11.07 -9.36 29.76
C SER B 234 -10.81 -9.48 28.24
N SER B 235 -11.85 -9.22 27.44
CA SER B 235 -11.82 -9.38 25.97
C SER B 235 -10.86 -8.45 25.22
N LEU B 236 -10.48 -7.33 25.84
CA LEU B 236 -9.57 -6.36 25.21
C LEU B 236 -8.12 -6.55 25.65
N GLU B 237 -7.87 -7.48 26.57
CA GLU B 237 -6.53 -7.69 27.09
C GLU B 237 -5.61 -8.43 26.13
N LYS B 238 -4.34 -8.03 26.13
CA LYS B 238 -3.31 -8.68 25.34
C LYS B 238 -2.12 -9.01 26.21
N SER B 239 -1.43 -10.08 25.87
CA SER B 239 -0.19 -10.44 26.53
C SER B 239 1.01 -10.00 25.71
N TYR B 240 2.08 -9.64 26.41
CA TYR B 240 3.30 -9.17 25.76
C TYR B 240 4.50 -9.79 26.47
N GLU B 241 5.39 -10.41 25.71
CA GLU B 241 6.57 -11.01 26.32
C GLU B 241 7.74 -10.03 26.35
N LEU B 242 8.27 -9.79 27.55
CA LEU B 242 9.44 -8.93 27.74
C LEU B 242 10.72 -9.58 27.21
N PRO B 243 11.80 -8.80 26.99
CA PRO B 243 13.05 -9.35 26.47
C PRO B 243 13.65 -10.44 27.38
N ASP B 244 13.28 -10.42 28.66
CA ASP B 244 13.78 -11.40 29.62
C ASP B 244 12.81 -12.56 29.86
N GLY B 245 11.87 -12.79 28.94
CA GLY B 245 10.94 -13.91 29.03
C GLY B 245 9.64 -13.66 29.78
N GLN B 246 9.65 -12.77 30.77
CA GLN B 246 8.45 -12.42 31.54
C GLN B 246 7.29 -11.91 30.64
N VAL B 247 6.08 -12.39 30.91
CA VAL B 247 4.90 -12.02 30.13
C VAL B 247 4.04 -11.09 31.00
N ILE B 248 3.68 -9.93 30.45
CA ILE B 248 2.80 -9.00 31.15
C ILE B 248 1.48 -8.82 30.40
N THR B 249 0.50 -8.24 31.09
CA THR B 249 -0.85 -8.08 30.55
C THR B 249 -1.14 -6.61 30.31
N ILE B 250 -1.73 -6.31 29.16
CA ILE B 250 -2.08 -4.95 28.80
C ILE B 250 -3.58 -4.90 28.58
N GLY B 251 -4.27 -4.07 29.34
CA GLY B 251 -5.69 -3.92 29.17
C GLY B 251 -6.02 -2.57 28.57
N ASN B 252 -6.71 -1.74 29.33
CA ASN B 252 -7.24 -0.50 28.77
C ASN B 252 -6.15 0.53 28.39
N GLU B 253 -4.92 0.29 28.83
CA GLU B 253 -3.78 1.10 28.42
C GLU B 253 -3.57 1.05 26.89
N ARG B 254 -4.01 -0.03 26.25
CA ARG B 254 -3.97 -0.13 24.78
C ARG B 254 -4.60 1.09 24.12
N PHE B 255 -5.68 1.60 24.70
CA PHE B 255 -6.40 2.70 24.05
C PHE B 255 -6.38 4.02 24.81
N ARG B 256 -6.12 3.95 26.11
CA ARG B 256 -5.94 5.17 26.90
C ARG B 256 -4.70 5.92 26.41
N CYS B 257 -3.70 5.19 25.92
CA CYS B 257 -2.45 5.83 25.45
C CYS B 257 -2.73 6.75 24.24
N PRO B 258 -3.25 6.20 23.13
CA PRO B 258 -3.46 7.17 22.03
C PRO B 258 -4.71 8.05 22.15
N GLU B 259 -5.55 7.80 23.15
CA GLU B 259 -6.67 8.69 23.44
C GLU B 259 -6.15 10.10 23.71
N THR B 260 -4.92 10.17 24.26
CA THR B 260 -4.23 11.42 24.52
C THR B 260 -4.24 12.38 23.31
N LEU B 261 -4.18 11.82 22.10
CA LEU B 261 -4.27 12.61 20.85
C LEU B 261 -5.58 13.40 20.73
N PHE B 262 -6.68 12.80 21.17
CA PHE B 262 -7.99 13.44 21.16
C PHE B 262 -8.26 14.23 22.45
N GLN B 263 -7.57 13.83 23.52
CA GLN B 263 -7.70 14.50 24.83
C GLN B 263 -6.32 14.82 25.43
N PRO B 264 -5.69 15.93 24.98
CA PRO B 264 -4.35 16.26 25.48
C PRO B 264 -4.30 16.55 26.97
N SER B 265 -5.46 16.71 27.62
CA SER B 265 -5.52 16.88 29.07
C SER B 265 -5.00 15.65 29.82
N PHE B 266 -5.00 14.49 29.14
CA PHE B 266 -4.47 13.26 29.74
C PHE B 266 -3.03 13.44 30.21
N ILE B 267 -2.29 14.28 29.49
CA ILE B 267 -0.94 14.65 29.90
C ILE B 267 -0.82 16.10 30.40
N GLY B 268 -1.94 16.70 30.77
CA GLY B 268 -1.93 18.05 31.35
C GLY B 268 -1.73 19.17 30.36
N MET B 269 -2.05 18.92 29.09
CA MET B 269 -2.01 20.00 28.11
C MET B 269 -3.40 20.60 27.95
N GLU B 270 -3.48 21.92 27.88
CA GLU B 270 -4.79 22.58 27.74
C GLU B 270 -5.26 22.59 26.29
N SER B 271 -4.44 22.05 25.39
CA SER B 271 -4.70 22.09 23.97
C SER B 271 -5.93 21.32 23.47
N ALA B 272 -6.47 21.77 22.35
CA ALA B 272 -7.45 21.03 21.59
C ALA B 272 -6.84 19.71 21.06
N GLY B 273 -7.66 18.67 20.97
CA GLY B 273 -7.26 17.39 20.36
C GLY B 273 -7.18 17.48 18.84
N ILE B 274 -6.66 16.41 18.22
CA ILE B 274 -6.38 16.42 16.78
C ILE B 274 -7.62 16.59 15.91
N HIS B 275 -8.78 16.16 16.40
CA HIS B 275 -10.02 16.35 15.63
C HIS B 275 -10.39 17.82 15.59
N GLU B 276 -10.23 18.46 16.75
CA GLU B 276 -10.54 19.88 16.91
CA GLU B 276 -10.56 19.88 16.87
C GLU B 276 -9.56 20.78 16.13
N THR B 277 -8.27 20.42 16.14
CA THR B 277 -7.29 21.19 15.35
C THR B 277 -7.56 21.04 13.84
N THR B 278 -8.01 19.86 13.41
CA THR B 278 -8.37 19.62 12.02
C THR B 278 -9.52 20.55 11.64
N TYR B 279 -10.55 20.57 12.48
CA TYR B 279 -11.71 21.41 12.24
C TYR B 279 -11.31 22.91 12.26
N ASN B 280 -10.52 23.32 13.25
CA ASN B 280 -10.08 24.71 13.36
C ASN B 280 -9.23 25.14 12.18
N SER B 281 -8.39 24.22 11.71
CA SER B 281 -7.57 24.44 10.54
C SER B 281 -8.44 24.70 9.31
N ILE B 282 -9.40 23.81 9.07
CA ILE B 282 -10.36 23.99 7.96
C ILE B 282 -11.12 25.32 8.02
N MET B 283 -11.55 25.68 9.22
CA MET B 283 -12.28 26.93 9.43
C MET B 283 -11.45 28.19 9.16
N LYS B 284 -10.13 28.07 9.27
CA LYS B 284 -9.26 29.16 8.85
C LYS B 284 -9.10 29.30 7.32
N CYS B 285 -9.63 28.35 6.55
CA CYS B 285 -9.52 28.42 5.09
C CYS B 285 -10.78 28.99 4.43
N ASP B 286 -10.60 29.52 3.21
CA ASP B 286 -11.66 30.09 2.41
C ASP B 286 -12.88 29.16 2.39
N ILE B 287 -14.06 29.73 2.66
CA ILE B 287 -15.30 28.97 2.67
CA ILE B 287 -15.34 29.00 2.64
C ILE B 287 -15.42 28.10 1.41
N ASP B 288 -14.97 28.61 0.26
CA ASP B 288 -15.14 27.95 -1.02
C ASP B 288 -14.29 26.70 -1.21
N ILE B 289 -13.33 26.45 -0.31
CA ILE B 289 -12.53 25.24 -0.46
C ILE B 289 -12.76 24.20 0.64
N ARG B 290 -13.54 24.56 1.64
CA ARG B 290 -13.70 23.65 2.80
C ARG B 290 -14.25 22.27 2.47
N LYS B 291 -15.24 22.21 1.55
CA LYS B 291 -15.84 20.94 1.16
C LYS B 291 -14.76 19.97 0.66
N ASP B 292 -13.88 20.46 -0.21
CA ASP B 292 -12.75 19.69 -0.70
C ASP B 292 -11.83 19.22 0.43
N LEU B 293 -11.58 20.08 1.41
CA LEU B 293 -10.71 19.70 2.52
C LEU B 293 -11.30 18.56 3.34
N TYR B 294 -12.58 18.70 3.72
CA TYR B 294 -13.29 17.66 4.50
C TYR B 294 -13.31 16.31 3.77
N ALA B 295 -13.42 16.35 2.45
CA ALA B 295 -13.48 15.12 1.64
C ALA B 295 -12.09 14.54 1.34
N ASN B 296 -11.04 15.23 1.81
CA ASN B 296 -9.65 14.82 1.54
C ASN B 296 -8.72 15.00 2.74
N ASN B 297 -9.10 14.40 3.84
CA ASN B 297 -8.30 14.46 5.06
CA ASN B 297 -8.35 14.40 5.12
C ASN B 297 -7.35 13.26 5.10
N VAL B 298 -6.06 13.55 4.87
CA VAL B 298 -5.02 12.50 4.77
C VAL B 298 -4.22 12.40 6.09
N MET B 299 -4.09 11.19 6.64
CA MET B 299 -3.23 10.95 7.80
C MET B 299 -1.85 10.52 7.37
N SER B 300 -0.83 11.09 8.01
CA SER B 300 0.57 10.72 7.75
C SER B 300 1.41 10.76 9.03
N GLY B 301 2.55 10.08 9.03
CA GLY B 301 3.43 10.01 10.19
C GLY B 301 3.15 8.79 11.05
N GLY B 302 4.18 8.35 11.78
CA GLY B 302 4.08 7.08 12.51
C GLY B 302 3.05 7.14 13.62
N THR B 303 2.79 8.34 14.16
CA THR B 303 1.84 8.45 15.27
C THR B 303 0.39 8.41 14.80
N THR B 304 0.16 8.48 13.48
CA THR B 304 -1.18 8.15 12.96
C THR B 304 -1.39 6.65 12.66
N MET B 305 -0.45 5.80 13.02
CA MET B 305 -0.56 4.36 12.64
C MET B 305 -1.55 3.54 13.49
N TYR B 306 -1.98 4.06 14.65
CA TYR B 306 -2.89 3.30 15.51
C TYR B 306 -4.11 2.78 14.76
N PRO B 307 -4.41 1.47 14.90
CA PRO B 307 -5.66 0.96 14.33
C PRO B 307 -6.83 1.71 14.95
N GLY B 308 -7.85 2.01 14.14
CA GLY B 308 -9.06 2.67 14.66
C GLY B 308 -9.04 4.19 14.52
N ILE B 309 -7.88 4.76 14.26
CA ILE B 309 -7.75 6.22 14.19
C ILE B 309 -8.60 6.86 13.08
N ALA B 310 -8.69 6.22 11.91
CA ALA B 310 -9.45 6.78 10.79
C ALA B 310 -10.94 6.92 11.12
N ASP B 311 -11.52 5.85 11.64
CA ASP B 311 -12.94 5.82 12.00
C ASP B 311 -13.30 6.78 13.13
N ARG B 312 -12.42 6.88 14.13
CA ARG B 312 -12.63 7.84 15.22
C ARG B 312 -12.57 9.29 14.71
N MET B 313 -11.61 9.56 13.83
CA MET B 313 -11.50 10.89 13.23
CA MET B 313 -11.49 10.90 13.23
C MET B 313 -12.75 11.20 12.40
N GLN B 314 -13.18 10.22 11.60
CA GLN B 314 -14.43 10.39 10.81
C GLN B 314 -15.56 10.79 11.75
N LYS B 315 -15.71 10.05 12.85
CA LYS B 315 -16.80 10.31 13.81
C LYS B 315 -16.70 11.67 14.51
N GLU B 316 -15.50 12.04 14.99
CA GLU B 316 -15.33 13.33 15.66
C GLU B 316 -15.54 14.52 14.75
N ILE B 317 -14.97 14.45 13.55
CA ILE B 317 -15.11 15.54 12.60
C ILE B 317 -16.57 15.67 12.14
N THR B 318 -17.25 14.54 11.95
CA THR B 318 -18.68 14.58 11.64
C THR B 318 -19.46 15.36 12.71
N ALA B 319 -19.10 15.19 13.97
CA ALA B 319 -19.79 15.86 15.07
C ALA B 319 -19.53 17.37 15.08
N LEU B 320 -18.36 17.78 14.59
CA LEU B 320 -17.96 19.19 14.57
C LEU B 320 -18.46 19.96 13.34
N ALA B 321 -18.42 19.30 12.19
CA ALA B 321 -18.71 19.91 10.91
C ALA B 321 -20.20 20.18 10.69
N PRO B 322 -20.53 21.14 9.82
CA PRO B 322 -21.91 21.39 9.42
C PRO B 322 -22.58 20.08 9.04
N SER B 323 -23.83 19.93 9.46
CA SER B 323 -24.54 18.65 9.45
C SER B 323 -24.64 17.98 8.08
N THR B 324 -24.51 18.76 7.02
CA THR B 324 -24.57 18.21 5.66
C THR B 324 -23.25 17.59 5.18
N MET B 325 -22.14 18.14 5.68
CA MET B 325 -20.79 17.99 5.09
C MET B 325 -20.35 16.55 4.81
N LYS B 326 -19.68 16.35 3.67
CA LYS B 326 -19.16 15.03 3.31
C LYS B 326 -17.69 14.86 3.74
N ILE B 327 -17.47 13.96 4.69
CA ILE B 327 -16.17 13.79 5.34
C ILE B 327 -15.55 12.47 4.91
N LYS B 328 -14.26 12.50 4.59
CA LYS B 328 -13.53 11.31 4.19
C LYS B 328 -12.10 11.33 4.73
N ILE B 329 -11.73 10.29 5.46
CA ILE B 329 -10.38 10.14 5.98
C ILE B 329 -9.63 9.13 5.13
N ILE B 330 -8.45 9.52 4.66
CA ILE B 330 -7.60 8.62 3.90
C ILE B 330 -6.41 8.29 4.81
N ALA B 331 -6.23 7.00 5.08
CA ALA B 331 -5.13 6.58 5.94
C ALA B 331 -4.36 5.45 5.28
N PRO B 332 -3.35 5.80 4.44
CA PRO B 332 -2.60 4.79 3.72
C PRO B 332 -1.86 3.80 4.62
N PRO B 333 -1.86 2.52 4.24
CA PRO B 333 -1.14 1.52 5.03
C PRO B 333 0.30 1.94 5.31
N GLU B 334 0.89 2.66 4.39
CA GLU B 334 2.33 2.96 4.40
C GLU B 334 2.66 4.34 4.99
N ARG B 335 1.70 4.92 5.71
CA ARG B 335 1.78 6.33 6.06
C ARG B 335 2.91 6.74 6.99
N LYS B 336 3.56 5.78 7.67
CA LYS B 336 4.76 6.15 8.42
C LYS B 336 5.92 6.60 7.49
N TYR B 337 5.78 6.30 6.19
CA TYR B 337 6.79 6.64 5.18
C TYR B 337 6.25 7.53 4.05
N SER B 338 5.04 8.06 4.20
CA SER B 338 4.39 8.69 3.05
C SER B 338 5.06 10.02 2.67
N VAL B 339 5.65 10.73 3.63
CA VAL B 339 6.46 11.93 3.32
C VAL B 339 7.58 11.52 2.35
N TRP B 340 8.32 10.50 2.74
CA TRP B 340 9.44 10.00 1.95
C TRP B 340 8.94 9.54 0.58
N ILE B 341 7.86 8.78 0.58
CA ILE B 341 7.30 8.22 -0.62
C ILE B 341 6.85 9.32 -1.60
N GLY B 342 6.25 10.37 -1.07
CA GLY B 342 5.84 11.50 -1.93
C GLY B 342 7.04 12.17 -2.59
N GLY B 343 8.13 12.29 -1.84
CA GLY B 343 9.40 12.81 -2.35
C GLY B 343 9.99 11.94 -3.44
N SER B 344 9.92 10.61 -3.26
CA SER B 344 10.37 9.62 -4.24
C SER B 344 9.61 9.72 -5.56
N ILE B 345 8.29 9.82 -5.46
CA ILE B 345 7.43 10.01 -6.62
C ILE B 345 7.75 11.36 -7.31
N LEU B 346 7.70 12.46 -6.54
CA LEU B 346 7.92 13.80 -7.13
C LEU B 346 9.25 13.86 -7.90
N ALA B 347 10.34 13.46 -7.24
CA ALA B 347 11.67 13.51 -7.84
C ALA B 347 11.84 12.56 -9.05
N SER B 348 10.91 11.61 -9.22
CA SER B 348 10.91 10.69 -10.36
C SER B 348 10.21 11.22 -11.62
N LEU B 349 9.37 12.24 -11.47
CA LEU B 349 8.54 12.75 -12.57
C LEU B 349 9.31 13.53 -13.64
N SER B 350 9.00 13.27 -14.90
CA SER B 350 9.66 13.99 -16.00
C SER B 350 9.32 15.48 -15.95
N THR B 351 8.10 15.82 -15.55
CA THR B 351 7.72 17.22 -15.41
C THR B 351 8.31 17.90 -14.17
N PHE B 352 8.97 17.14 -13.28
CA PHE B 352 9.64 17.77 -12.13
C PHE B 352 11.08 18.20 -12.43
N GLN B 353 11.66 17.64 -13.47
CA GLN B 353 13.11 17.74 -13.69
C GLN B 353 13.56 19.19 -13.86
N GLN B 354 12.71 20.01 -14.47
CA GLN B 354 12.96 21.45 -14.60
C GLN B 354 12.99 22.15 -13.25
N MET B 355 12.28 21.62 -12.27
CA MET B 355 12.08 22.32 -10.99
C MET B 355 13.24 22.21 -10.00
N TRP B 356 14.14 21.25 -10.21
CA TRP B 356 15.40 21.16 -9.45
C TRP B 356 16.09 22.52 -9.53
N ILE B 357 16.59 23.01 -8.40
CA ILE B 357 17.49 24.17 -8.38
C ILE B 357 18.91 23.67 -8.56
N THR B 358 19.54 24.01 -9.69
CA THR B 358 20.90 23.57 -10.01
C THR B 358 21.90 24.48 -9.33
N LYS B 359 23.13 23.99 -9.15
CA LYS B 359 24.23 24.80 -8.59
C LYS B 359 24.40 26.14 -9.33
N GLN B 360 24.29 26.12 -10.66
CA GLN B 360 24.40 27.35 -11.45
C GLN B 360 23.27 28.36 -11.18
N GLU B 361 22.03 27.88 -11.10
CA GLU B 361 20.92 28.77 -10.79
C GLU B 361 21.11 29.40 -9.42
N TYR B 362 21.60 28.60 -8.47
CA TYR B 362 21.86 29.07 -7.13
C TYR B 362 22.96 30.13 -7.13
N ASP B 363 24.02 29.87 -7.91
CA ASP B 363 25.14 30.78 -8.03
C ASP B 363 24.71 32.11 -8.65
N GLU B 364 23.88 32.04 -9.69
CA GLU B 364 23.41 33.25 -10.36
C GLU B 364 22.37 34.04 -9.58
N ALA B 365 21.42 33.37 -8.93
CA ALA B 365 20.27 34.08 -8.34
C ALA B 365 20.41 34.36 -6.85
N GLY B 366 21.25 33.60 -6.16
CA GLY B 366 21.42 33.78 -4.71
C GLY B 366 20.43 32.94 -3.90
N PRO B 367 20.51 33.01 -2.55
CA PRO B 367 19.66 32.21 -1.65
C PRO B 367 18.15 32.32 -1.90
N SER B 368 17.67 33.47 -2.36
CA SER B 368 16.22 33.68 -2.53
C SER B 368 15.54 32.64 -3.43
N ILE B 369 16.32 31.99 -4.30
CA ILE B 369 15.77 31.12 -5.32
C ILE B 369 15.10 29.87 -4.74
N VAL B 370 15.56 29.46 -3.56
CA VAL B 370 15.04 28.26 -2.91
C VAL B 370 13.55 28.36 -2.54
N HIS B 371 13.05 29.59 -2.41
CA HIS B 371 11.65 29.85 -2.15
C HIS B 371 10.89 29.93 -3.46
#